data_5XDR
#
_entry.id   5XDR
#
_cell.length_a   81.919
_cell.length_b   89.377
_cell.length_c   211.078
_cell.angle_alpha   90.00
_cell.angle_beta   90.00
_cell.angle_gamma   90.00
#
_symmetry.space_group_name_H-M   'C 2 2 21'
#
loop_
_entity.id
_entity.type
_entity.pdbx_description
1 polymer 'Pre-mRNA-splicing factor ATP-dependent RNA helicase DHX15'
2 non-polymer "ADENOSINE-5'-DIPHOSPHATE"
3 non-polymer 'SULFATE ION'
4 non-polymer 'MAGNESIUM ION'
5 water water
#
_entity_poly.entity_id   1
_entity_poly.type   'polypeptide(L)'
_entity_poly.pdbx_seq_one_letter_code
;GPEFSLPQCINPFTNLPHTPRYYDILKKRLQLPVWEYKDRFTDILVRHQSFVLVGETGSGKTTQIPQWCVEYMRSLPGPK
RGVACTQPRRVAAMSVAQRVADEMDVMLGQEVGYSIRFEDCSSAKTILKYMTDGMLLREAMNDPLLERYGVIILDEAHER
TLATDILMGVLKEVVRQRSDLKVIVMSATLDAGKFQIYFDNCPLLTIPGRTHPVEIFYTPEPERDYLEAAIRTVIQIHMC
EEEEGDLLLFLTGQEEIDEACKRIKREVDDLGPEVGDIKIIPLYSTLPPQQQQRIFEPPPPKKQNGAIGRKVVVSTNIAE
TSLTIDGVVFVIDPGFAKQKVYNPRIRVESLLVTAISKASAQQRAGRAGRTRPGKCFRLYTEKAYKTEMQDNTYPEILRS
NLGSVVLQLKKLGIDDLVHFDFMDPPAPETLMRALELLNYLAALNDDGDLTELGSMMAEFPLDPQLAKMVIASCDYNCSN
EVLSITAMLSVPQCFVRPTEAKKAADEAKMRFAHIDGDHLTLLNVYHAFKQNHESVQWCYDNFINYRSLMSADNVRQQLS
RIMDRFNLPRRSSDFTSRDYYINIRKALVTGYFMQVAHLERTGHYLTVKDNQVVQLHPSTVLDHKPEWVLYNEFVLTTKN
YIRTCTDIKPEWLVKIAPQYYDMSNFPQCEAKRQLDRIIAKLQSKEYSQY
;
_entity_poly.pdbx_strand_id   A
#
loop_
_chem_comp.id
_chem_comp.type
_chem_comp.name
_chem_comp.formula
ADP non-polymer ADENOSINE-5'-DIPHOSPHATE 'C10 H15 N5 O10 P2'
MG non-polymer 'MAGNESIUM ION' 'Mg 2'
SO4 non-polymer 'SULFATE ION' 'O4 S -2'
#
# COMPACT_ATOMS: atom_id res chain seq x y z
N CYS A 9 -26.67 26.46 -15.97
CA CYS A 9 -26.60 25.85 -17.32
C CYS A 9 -26.64 24.29 -17.24
N ILE A 10 -26.22 23.60 -18.31
CA ILE A 10 -26.57 22.19 -18.56
C ILE A 10 -25.36 21.25 -18.36
N ASN A 11 -25.61 20.12 -17.68
CA ASN A 11 -24.62 19.05 -17.45
C ASN A 11 -24.27 18.31 -18.77
N PRO A 12 -23.04 18.50 -19.30
CA PRO A 12 -22.68 17.96 -20.63
C PRO A 12 -22.75 16.44 -20.75
N PHE A 13 -22.56 15.74 -19.64
CA PHE A 13 -22.59 14.29 -19.64
C PHE A 13 -24.01 13.75 -19.57
N THR A 14 -24.79 14.25 -18.61
CA THR A 14 -26.18 13.79 -18.45
C THR A 14 -27.19 14.42 -19.44
N ASN A 15 -26.80 15.53 -20.06
CA ASN A 15 -27.71 16.35 -20.89
C ASN A 15 -28.97 16.82 -20.12
N LEU A 16 -28.77 17.09 -18.82
CA LEU A 16 -29.78 17.62 -17.92
C LEU A 16 -29.21 18.90 -17.33
N PRO A 17 -30.03 19.69 -16.62
CA PRO A 17 -29.42 20.69 -15.76
C PRO A 17 -28.55 20.06 -14.71
N HIS A 18 -27.50 20.79 -14.32
CA HIS A 18 -26.82 20.52 -13.08
C HIS A 18 -27.80 20.67 -11.90
N THR A 19 -27.44 20.09 -10.76
CA THR A 19 -28.32 19.93 -9.60
C THR A 19 -28.12 21.05 -8.58
N PRO A 20 -28.95 21.09 -7.52
CA PRO A 20 -28.70 21.98 -6.38
C PRO A 20 -27.35 21.74 -5.72
N ARG A 21 -27.03 20.47 -5.45
CA ARG A 21 -25.72 20.05 -4.94
C ARG A 21 -24.59 20.72 -5.76
N TYR A 22 -24.64 20.55 -7.07
CA TYR A 22 -23.58 21.02 -7.96
C TYR A 22 -23.23 22.48 -7.78
N TYR A 23 -24.26 23.33 -7.72
CA TYR A 23 -24.07 24.76 -7.60
C TYR A 23 -23.51 25.17 -6.23
N ASP A 24 -23.99 24.57 -5.15
CA ASP A 24 -23.42 24.82 -3.80
C ASP A 24 -21.92 24.51 -3.71
N ILE A 25 -21.47 23.47 -4.42
CA ILE A 25 -20.08 23.03 -4.40
C ILE A 25 -19.23 23.87 -5.36
N LEU A 26 -19.74 24.15 -6.56
CA LEU A 26 -19.07 25.05 -7.51
C LEU A 26 -18.70 26.38 -6.83
N LYS A 27 -19.64 26.92 -6.05
CA LYS A 27 -19.43 28.18 -5.31
C LYS A 27 -18.18 28.13 -4.42
N LYS A 28 -18.05 27.06 -3.64
CA LYS A 28 -16.90 26.90 -2.75
C LYS A 28 -15.60 26.59 -3.51
N ARG A 29 -15.67 25.73 -4.52
CA ARG A 29 -14.43 25.29 -5.19
C ARG A 29 -13.79 26.31 -6.15
N LEU A 30 -14.56 27.28 -6.67
CA LEU A 30 -13.98 28.43 -7.40
C LEU A 30 -13.00 29.24 -6.54
N GLN A 31 -13.21 29.25 -5.23
CA GLN A 31 -12.35 29.99 -4.31
C GLN A 31 -11.03 29.31 -3.95
N LEU A 32 -10.87 28.03 -4.31
CA LEU A 32 -9.62 27.30 -4.08
C LEU A 32 -8.42 27.93 -4.83
N PRO A 33 -7.22 27.96 -4.19
CA PRO A 33 -6.03 28.58 -4.77
C PRO A 33 -5.74 28.29 -6.24
N VAL A 34 -5.95 27.05 -6.68
CA VAL A 34 -5.63 26.69 -8.07
C VAL A 34 -6.37 27.55 -9.11
N TRP A 35 -7.60 27.97 -8.83
CA TRP A 35 -8.49 28.56 -9.85
C TRP A 35 -8.03 29.86 -10.48
N GLU A 36 -7.36 30.71 -9.72
CA GLU A 36 -6.84 31.94 -10.30
C GLU A 36 -5.69 31.69 -11.30
N TYR A 37 -5.14 30.46 -11.34
CA TYR A 37 -4.13 30.11 -12.35
C TYR A 37 -4.63 29.27 -13.51
N LYS A 38 -5.94 29.09 -13.64
CA LYS A 38 -6.49 28.24 -14.69
C LYS A 38 -6.11 28.68 -16.11
N ASP A 39 -6.13 29.98 -16.35
CA ASP A 39 -5.80 30.50 -17.67
C ASP A 39 -4.37 30.14 -18.03
N ARG A 40 -3.41 30.42 -17.15
CA ARG A 40 -2.02 30.06 -17.42
C ARG A 40 -1.83 28.53 -17.42
N PHE A 41 -2.64 27.79 -16.65
CA PHE A 41 -2.63 26.31 -16.74
C PHE A 41 -2.99 25.90 -18.17
N THR A 42 -4.16 26.35 -18.59
CA THR A 42 -4.66 26.06 -19.93
C THR A 42 -3.65 26.46 -20.98
N ASP A 43 -3.02 27.62 -20.79
CA ASP A 43 -2.06 28.14 -21.77
C ASP A 43 -0.81 27.28 -21.92
N ILE A 44 -0.32 26.70 -20.83
CA ILE A 44 0.78 25.72 -20.91
C ILE A 44 0.30 24.41 -21.55
N LEU A 45 -0.82 23.86 -21.07
CA LEU A 45 -1.37 22.58 -21.56
C LEU A 45 -1.49 22.49 -23.09
N VAL A 46 -2.10 23.50 -23.70
CA VAL A 46 -2.31 23.50 -25.16
C VAL A 46 -1.02 23.62 -26.00
N ARG A 47 0.06 24.09 -25.38
CA ARG A 47 1.33 24.30 -26.10
C ARG A 47 2.41 23.24 -25.87
N HIS A 48 2.33 22.48 -24.77
CA HIS A 48 3.36 21.50 -24.40
C HIS A 48 2.81 20.08 -24.18
N GLN A 49 3.60 19.07 -24.54
CA GLN A 49 3.25 17.68 -24.27
C GLN A 49 3.23 17.39 -22.74
N SER A 50 4.22 17.91 -22.00
CA SER A 50 4.30 17.64 -20.59
C SER A 50 4.78 18.84 -19.81
N PHE A 51 4.30 18.95 -18.58
CA PHE A 51 4.81 19.96 -17.64
C PHE A 51 4.57 19.58 -16.19
N VAL A 52 5.07 20.41 -15.29
CA VAL A 52 4.98 20.20 -13.86
C VAL A 52 4.13 21.25 -13.15
N LEU A 53 3.36 20.80 -12.18
CA LEU A 53 2.45 21.63 -11.40
C LEU A 53 2.83 21.41 -9.93
N VAL A 54 3.20 22.47 -9.22
CA VAL A 54 3.57 22.34 -7.80
C VAL A 54 2.65 23.21 -6.96
N GLY A 55 2.20 22.67 -5.84
CA GLY A 55 1.33 23.43 -4.96
C GLY A 55 1.11 22.68 -3.67
N GLU A 56 1.04 23.44 -2.59
CA GLU A 56 0.82 22.89 -1.28
C GLU A 56 -0.45 22.12 -1.23
N THR A 57 -0.57 21.31 -0.19
CA THR A 57 -1.75 20.52 0.03
C THR A 57 -2.90 21.46 0.32
N GLY A 58 -4.10 21.06 -0.10
CA GLY A 58 -5.31 21.89 0.07
C GLY A 58 -5.51 22.98 -0.96
N SER A 59 -4.53 23.18 -1.84
CA SER A 59 -4.59 24.21 -2.86
C SER A 59 -5.64 23.90 -3.95
N GLY A 60 -6.04 22.62 -4.08
CA GLY A 60 -7.07 22.19 -5.03
C GLY A 60 -6.58 21.38 -6.22
N LYS A 61 -5.33 20.89 -6.16
CA LYS A 61 -4.73 20.14 -7.29
C LYS A 61 -5.49 18.88 -7.72
N THR A 62 -5.83 17.99 -6.79
CA THR A 62 -6.40 16.70 -7.14
C THR A 62 -7.83 16.76 -7.63
N THR A 63 -8.65 17.59 -7.00
CA THR A 63 -10.06 17.71 -7.40
C THR A 63 -10.26 18.54 -8.67
N GLN A 64 -9.58 19.68 -8.76
CA GLN A 64 -9.84 20.63 -9.84
C GLN A 64 -9.10 20.34 -11.14
N ILE A 65 -7.80 20.08 -11.07
CA ILE A 65 -6.97 19.97 -12.28
C ILE A 65 -7.38 18.87 -13.26
N PRO A 66 -7.72 17.69 -12.74
CA PRO A 66 -8.18 16.67 -13.66
C PRO A 66 -9.52 17.00 -14.32
N GLN A 67 -10.37 17.77 -13.66
CA GLN A 67 -11.61 18.25 -14.29
C GLN A 67 -11.23 19.15 -15.48
N TRP A 68 -10.23 20.00 -15.29
CA TRP A 68 -9.78 20.88 -16.37
C TRP A 68 -9.29 20.11 -17.55
N CYS A 69 -8.61 18.99 -17.31
CA CYS A 69 -8.09 18.16 -18.38
C CYS A 69 -9.19 17.40 -19.07
N VAL A 70 -10.29 17.11 -18.36
CA VAL A 70 -11.51 16.58 -19.01
C VAL A 70 -12.12 17.61 -19.97
N GLU A 71 -12.25 18.83 -19.50
CA GLU A 71 -12.71 19.98 -20.30
C GLU A 71 -11.84 20.11 -21.54
N TYR A 72 -10.52 20.06 -21.36
CA TYR A 72 -9.62 19.99 -22.49
C TYR A 72 -9.89 18.82 -23.45
N MET A 73 -10.08 17.61 -22.94
CA MET A 73 -10.37 16.44 -23.82
C MET A 73 -11.66 16.60 -24.62
N ARG A 74 -12.69 17.15 -23.96
CA ARG A 74 -13.95 17.43 -24.63
C ARG A 74 -13.86 18.52 -25.70
N SER A 75 -12.78 19.31 -25.70
CA SER A 75 -12.52 20.27 -26.78
C SER A 75 -11.94 19.62 -28.07
N LEU A 76 -11.59 18.33 -28.04
CA LEU A 76 -10.77 17.68 -29.07
C LEU A 76 -11.59 16.91 -30.09
N PRO A 77 -11.03 16.65 -31.28
CA PRO A 77 -11.80 16.24 -32.48
C PRO A 77 -12.75 15.03 -32.37
N GLY A 78 -12.42 14.01 -31.57
CA GLY A 78 -13.26 12.80 -31.56
C GLY A 78 -12.66 11.47 -31.15
N PRO A 79 -11.31 11.30 -31.31
CA PRO A 79 -10.66 10.25 -30.53
C PRO A 79 -10.92 10.53 -29.03
N LYS A 80 -12.04 10.00 -28.55
CA LYS A 80 -12.72 10.51 -27.36
C LYS A 80 -12.25 9.75 -26.10
N ARG A 81 -11.23 10.30 -25.45
CA ARG A 81 -10.48 9.52 -24.47
C ARG A 81 -10.48 10.07 -23.07
N GLY A 82 -9.95 9.27 -22.17
CA GLY A 82 -10.02 9.57 -20.78
C GLY A 82 -8.86 10.40 -20.28
N VAL A 83 -9.03 10.79 -19.02
CA VAL A 83 -7.98 11.31 -18.18
C VAL A 83 -7.68 10.32 -17.06
N ALA A 84 -6.41 10.05 -16.82
CA ALA A 84 -5.99 9.31 -15.62
C ALA A 84 -5.21 10.23 -14.68
N CYS A 85 -5.53 10.15 -13.39
CA CYS A 85 -4.81 10.83 -12.32
C CYS A 85 -4.43 9.76 -11.28
N THR A 86 -3.13 9.50 -11.12
CA THR A 86 -2.66 8.48 -10.22
C THR A 86 -2.45 9.04 -8.83
N GLN A 87 -2.77 8.23 -7.83
CA GLN A 87 -2.49 8.50 -6.42
C GLN A 87 -1.58 7.40 -5.88
N PRO A 88 -0.59 7.76 -5.05
CA PRO A 88 0.10 6.71 -4.33
C PRO A 88 -0.79 5.96 -3.35
N ARG A 89 -1.91 6.56 -2.94
CA ARG A 89 -2.74 6.03 -1.85
C ARG A 89 -4.18 5.72 -2.18
N ARG A 90 -4.59 4.51 -1.76
CA ARG A 90 -5.91 3.95 -2.05
C ARG A 90 -7.02 4.85 -1.54
N VAL A 91 -6.87 5.29 -0.29
CA VAL A 91 -7.86 6.12 0.37
C VAL A 91 -7.99 7.47 -0.35
N ALA A 92 -6.88 8.04 -0.81
CA ALA A 92 -6.93 9.28 -1.58
C ALA A 92 -7.72 9.08 -2.87
N ALA A 93 -7.34 8.07 -3.66
CA ALA A 93 -7.98 7.82 -4.95
C ALA A 93 -9.46 7.56 -4.84
N MET A 94 -9.86 6.72 -3.87
CA MET A 94 -11.27 6.37 -3.73
C MET A 94 -12.13 7.54 -3.25
N SER A 95 -11.62 8.30 -2.30
CA SER A 95 -12.39 9.41 -1.72
C SER A 95 -12.42 10.68 -2.61
N VAL A 96 -11.37 10.95 -3.39
CA VAL A 96 -11.41 12.08 -4.32
C VAL A 96 -12.32 11.76 -5.50
N ALA A 97 -12.40 10.48 -5.88
CA ALA A 97 -13.26 10.07 -6.97
C ALA A 97 -14.71 10.34 -6.62
N GLN A 98 -15.09 10.00 -5.38
CA GLN A 98 -16.41 10.28 -4.84
C GLN A 98 -16.70 11.78 -4.80
N ARG A 99 -15.71 12.54 -4.31
CA ARG A 99 -15.78 13.98 -4.24
C ARG A 99 -15.92 14.61 -5.62
N VAL A 100 -15.06 14.23 -6.55
CA VAL A 100 -15.08 14.76 -7.93
C VAL A 100 -16.35 14.35 -8.66
N ALA A 101 -16.85 13.14 -8.41
CA ALA A 101 -18.15 12.69 -8.95
C ALA A 101 -19.27 13.66 -8.56
N ASP A 102 -19.24 14.12 -7.31
CA ASP A 102 -20.19 15.10 -6.80
C ASP A 102 -19.96 16.49 -7.43
N GLU A 103 -18.70 16.94 -7.40
CA GLU A 103 -18.29 18.20 -8.07
C GLU A 103 -18.64 18.27 -9.55
N MET A 104 -18.60 17.14 -10.26
CA MET A 104 -18.93 17.07 -11.68
C MET A 104 -20.39 16.69 -11.95
N ASP A 105 -21.17 16.54 -10.87
CA ASP A 105 -22.57 16.15 -10.94
C ASP A 105 -22.77 14.82 -11.69
N VAL A 106 -21.95 13.82 -11.36
CA VAL A 106 -22.08 12.48 -11.95
C VAL A 106 -22.06 11.37 -10.90
N MET A 107 -22.49 10.19 -11.34
CA MET A 107 -22.47 8.98 -10.53
C MET A 107 -21.06 8.39 -10.43
N LEU A 108 -20.54 8.22 -9.21
CA LEU A 108 -19.27 7.49 -9.02
C LEU A 108 -19.33 6.14 -9.74
N GLY A 109 -18.32 5.85 -10.56
CA GLY A 109 -18.30 4.65 -11.37
C GLY A 109 -18.83 4.83 -12.77
N GLN A 110 -19.43 5.98 -13.05
CA GLN A 110 -19.92 6.30 -14.39
C GLN A 110 -18.90 7.20 -15.11
N GLU A 111 -19.10 8.51 -15.18
CA GLU A 111 -18.18 9.40 -15.91
C GLU A 111 -16.88 9.59 -15.12
N VAL A 112 -17.01 9.64 -13.80
CA VAL A 112 -15.88 9.66 -12.87
C VAL A 112 -15.82 8.32 -12.14
N GLY A 113 -14.60 7.80 -11.96
CA GLY A 113 -14.41 6.54 -11.28
C GLY A 113 -13.01 6.35 -10.74
N TYR A 114 -12.80 5.14 -10.20
CA TYR A 114 -11.51 4.79 -9.60
C TYR A 114 -11.08 3.38 -9.95
N SER A 115 -9.80 3.12 -9.81
CA SER A 115 -9.25 1.78 -10.01
C SER A 115 -8.13 1.56 -9.03
N ILE A 116 -8.35 0.60 -8.14
CA ILE A 116 -7.39 0.15 -7.17
C ILE A 116 -7.19 -1.33 -7.49
N ARG A 117 -6.03 -1.85 -7.13
CA ARG A 117 -5.77 -3.29 -7.18
C ARG A 117 -6.98 -4.11 -6.63
N PHE A 118 -7.58 -4.95 -7.47
CA PHE A 118 -8.82 -5.72 -7.09
C PHE A 118 -10.11 -4.95 -6.89
N GLU A 119 -10.08 -3.60 -6.90
CA GLU A 119 -11.31 -2.77 -6.79
C GLU A 119 -11.43 -1.79 -7.98
N ASP A 120 -12.21 -2.19 -8.98
CA ASP A 120 -12.43 -1.39 -10.16
C ASP A 120 -13.81 -0.80 -10.12
N CYS A 121 -13.88 0.51 -9.95
CA CYS A 121 -15.13 1.22 -10.00
C CYS A 121 -15.11 2.14 -11.22
N SER A 122 -15.52 1.59 -12.36
CA SER A 122 -15.55 2.31 -13.61
C SER A 122 -16.46 1.59 -14.62
N SER A 123 -16.68 2.23 -15.76
CA SER A 123 -17.58 1.72 -16.80
C SER A 123 -17.20 2.23 -18.19
N ALA A 124 -18.03 1.88 -19.16
CA ALA A 124 -17.90 2.44 -20.51
C ALA A 124 -17.90 3.97 -20.49
N LYS A 125 -18.72 4.55 -19.63
CA LYS A 125 -18.83 5.99 -19.51
C LYS A 125 -17.62 6.71 -18.88
N THR A 126 -16.70 6.00 -18.23
CA THR A 126 -15.64 6.66 -17.42
C THR A 126 -14.64 7.44 -18.27
N ILE A 127 -14.55 8.73 -18.00
CA ILE A 127 -13.61 9.60 -18.74
C ILE A 127 -12.55 10.26 -17.86
N LEU A 128 -12.76 10.23 -16.55
CA LEU A 128 -11.79 10.62 -15.55
C LEU A 128 -11.70 9.46 -14.55
N LYS A 129 -10.51 8.88 -14.40
CA LYS A 129 -10.33 7.75 -13.52
C LYS A 129 -9.21 8.05 -12.54
N TYR A 130 -9.56 8.08 -11.24
CA TYR A 130 -8.54 8.21 -10.20
C TYR A 130 -8.06 6.80 -9.82
N MET A 131 -6.79 6.53 -10.00
CA MET A 131 -6.29 5.19 -9.83
C MET A 131 -5.02 5.24 -9.06
N THR A 132 -4.63 4.12 -8.47
CA THR A 132 -3.30 4.06 -7.84
C THR A 132 -2.22 4.04 -8.94
N ASP A 133 -1.04 4.57 -8.61
CA ASP A 133 0.09 4.50 -9.52
C ASP A 133 0.45 3.07 -9.95
N GLY A 134 0.35 2.15 -9.00
CA GLY A 134 0.48 0.71 -9.23
C GLY A 134 -0.47 0.19 -10.31
N MET A 135 -1.76 0.58 -10.25
CA MET A 135 -2.73 0.14 -11.30
C MET A 135 -2.47 0.64 -12.72
N LEU A 136 -1.99 1.88 -12.86
CA LEU A 136 -1.70 2.42 -14.20
C LEU A 136 -0.53 1.67 -14.84
N LEU A 137 0.50 1.36 -14.04
CA LEU A 137 1.59 0.51 -14.51
C LEU A 137 1.06 -0.90 -14.93
N ARG A 138 0.13 -1.46 -14.14
CA ARG A 138 -0.60 -2.69 -14.50
C ARG A 138 -1.26 -2.58 -15.86
N GLU A 139 -2.02 -1.48 -16.07
CA GLU A 139 -2.70 -1.25 -17.35
C GLU A 139 -1.76 -1.14 -18.52
N ALA A 140 -0.58 -0.56 -18.30
CA ALA A 140 0.45 -0.47 -19.34
C ALA A 140 0.92 -1.84 -19.85
N MET A 141 0.83 -2.87 -19.01
CA MET A 141 1.13 -4.27 -19.37
C MET A 141 0.39 -4.67 -20.66
N ASN A 142 -0.91 -4.38 -20.72
CA ASN A 142 -1.76 -4.73 -21.86
C ASN A 142 -2.01 -3.58 -22.83
N ASP A 143 -1.38 -2.42 -22.61
CA ASP A 143 -1.60 -1.21 -23.39
C ASP A 143 -0.37 -0.30 -23.22
N PRO A 144 0.75 -0.65 -23.88
CA PRO A 144 2.05 -0.04 -23.58
C PRO A 144 2.18 1.46 -23.83
N LEU A 145 1.38 2.02 -24.72
CA LEU A 145 1.30 3.46 -24.95
C LEU A 145 0.15 4.14 -24.19
N LEU A 146 -0.62 3.37 -23.41
CA LEU A 146 -1.74 3.88 -22.61
C LEU A 146 -2.72 4.68 -23.45
N GLU A 147 -3.00 4.11 -24.62
CA GLU A 147 -3.91 4.68 -25.61
C GLU A 147 -5.33 4.94 -25.10
N ARG A 148 -5.72 4.39 -23.96
CA ARG A 148 -7.02 4.75 -23.39
C ARG A 148 -7.09 6.19 -22.87
N TYR A 149 -5.94 6.82 -22.63
CA TYR A 149 -5.90 8.17 -22.08
C TYR A 149 -5.27 9.15 -23.03
N GLY A 150 -5.86 10.35 -23.05
CA GLY A 150 -5.28 11.49 -23.74
C GLY A 150 -4.47 12.37 -22.82
N VAL A 151 -4.84 12.36 -21.52
CA VAL A 151 -4.09 13.05 -20.46
C VAL A 151 -3.81 12.08 -19.29
N ILE A 152 -2.55 12.02 -18.86
CA ILE A 152 -2.17 11.28 -17.65
C ILE A 152 -1.49 12.22 -16.65
N ILE A 153 -1.95 12.18 -15.41
CA ILE A 153 -1.47 13.06 -14.36
C ILE A 153 -0.92 12.21 -13.21
N LEU A 154 0.39 12.28 -12.93
CA LEU A 154 0.98 11.63 -11.78
C LEU A 154 0.90 12.56 -10.56
N ASP A 155 -0.02 12.28 -9.65
CA ASP A 155 -0.21 13.17 -8.53
C ASP A 155 0.73 12.71 -7.41
N GLU A 156 0.99 13.62 -6.48
CA GLU A 156 1.77 13.35 -5.28
C GLU A 156 3.13 12.72 -5.63
N ALA A 157 3.77 13.22 -6.67
CA ALA A 157 5.07 12.72 -7.07
C ALA A 157 6.19 13.03 -6.07
N HIS A 158 5.98 14.00 -5.18
CA HIS A 158 6.90 14.21 -4.04
C HIS A 158 7.00 13.03 -3.07
N GLU A 159 5.99 12.14 -3.03
CA GLU A 159 6.09 10.93 -2.24
C GLU A 159 6.98 9.86 -2.87
N ARG A 160 7.47 10.10 -4.09
CA ARG A 160 8.46 9.25 -4.77
C ARG A 160 8.30 7.75 -4.53
N THR A 161 7.05 7.27 -4.58
CA THR A 161 6.78 5.84 -4.47
C THR A 161 7.39 5.09 -5.66
N LEU A 162 7.58 3.81 -5.43
CA LEU A 162 8.22 2.95 -6.41
C LEU A 162 7.42 2.98 -7.72
N ALA A 163 6.08 2.82 -7.65
CA ALA A 163 5.27 2.81 -8.86
C ALA A 163 5.29 4.17 -9.58
N THR A 164 5.22 5.27 -8.82
CA THR A 164 5.37 6.62 -9.40
C THR A 164 6.66 6.81 -10.17
N ASP A 165 7.78 6.38 -9.62
CA ASP A 165 9.08 6.55 -10.33
C ASP A 165 9.13 5.76 -11.61
N ILE A 166 8.59 4.55 -11.56
CA ILE A 166 8.56 3.70 -12.75
C ILE A 166 7.63 4.26 -13.82
N LEU A 167 6.46 4.77 -13.40
CA LEU A 167 5.57 5.50 -14.34
C LEU A 167 6.20 6.73 -15.01
N MET A 168 7.03 7.48 -14.28
CA MET A 168 7.79 8.59 -14.88
C MET A 168 8.77 8.13 -15.94
N GLY A 169 9.51 7.07 -15.67
CA GLY A 169 10.32 6.45 -16.73
C GLY A 169 9.54 5.93 -17.92
N VAL A 170 8.42 5.30 -17.63
CA VAL A 170 7.62 4.68 -18.69
C VAL A 170 7.05 5.75 -19.60
N LEU A 171 6.42 6.74 -18.96
CA LEU A 171 5.75 7.84 -19.68
C LEU A 171 6.71 8.74 -20.46
N LYS A 172 7.91 8.90 -19.94
CA LYS A 172 8.99 9.56 -20.70
C LYS A 172 9.34 8.81 -21.98
N GLU A 173 9.18 7.49 -22.02
CA GLU A 173 9.39 6.76 -23.26
C GLU A 173 8.14 6.79 -24.13
N VAL A 174 6.97 6.67 -23.50
CA VAL A 174 5.70 6.76 -24.21
C VAL A 174 5.56 8.07 -25.03
N VAL A 175 5.98 9.20 -24.47
CA VAL A 175 5.88 10.50 -25.19
C VAL A 175 6.69 10.62 -26.47
N ARG A 176 7.73 9.79 -26.63
CA ARG A 176 8.53 9.73 -27.88
C ARG A 176 7.81 9.00 -28.99
N GLN A 177 6.89 8.11 -28.63
CA GLN A 177 6.10 7.39 -29.63
C GLN A 177 4.69 7.98 -29.83
N ARG A 178 4.20 8.76 -28.87
CA ARG A 178 2.85 9.34 -28.91
C ARG A 178 2.99 10.85 -28.78
N SER A 179 2.53 11.58 -29.80
CA SER A 179 2.46 13.04 -29.76
C SER A 179 1.15 13.51 -29.15
N ASP A 180 0.09 12.72 -29.29
CA ASP A 180 -1.22 13.11 -28.80
C ASP A 180 -1.44 13.01 -27.27
N LEU A 181 -0.49 12.45 -26.52
CA LEU A 181 -0.67 12.30 -25.06
C LEU A 181 -0.10 13.49 -24.28
N LYS A 182 -0.83 13.99 -23.28
CA LYS A 182 -0.31 14.97 -22.34
C LYS A 182 0.00 14.37 -20.94
N VAL A 183 1.21 14.64 -20.42
CA VAL A 183 1.64 14.21 -19.08
C VAL A 183 1.80 15.41 -18.14
N ILE A 184 1.10 15.37 -17.00
CA ILE A 184 1.24 16.36 -15.97
C ILE A 184 1.78 15.65 -14.71
N VAL A 185 2.80 16.22 -14.11
CA VAL A 185 3.37 15.76 -12.85
C VAL A 185 2.99 16.79 -11.80
N MET A 186 2.18 16.40 -10.82
CA MET A 186 1.74 17.29 -9.76
C MET A 186 2.49 16.88 -8.51
N SER A 187 2.82 17.88 -7.70
CA SER A 187 3.57 17.69 -6.45
C SER A 187 3.22 18.75 -5.41
N ALA A 188 3.38 18.39 -4.13
CA ALA A 188 3.35 19.35 -3.04
C ALA A 188 4.60 20.22 -2.97
N THR A 189 5.72 19.73 -3.48
CA THR A 189 7.00 20.43 -3.31
C THR A 189 7.89 20.23 -4.52
N LEU A 190 8.91 21.08 -4.59
CA LEU A 190 9.86 21.14 -5.71
C LEU A 190 11.06 20.27 -5.44
N ASP A 191 11.19 19.89 -4.17
CA ASP A 191 12.18 18.95 -3.72
C ASP A 191 11.71 17.51 -4.11
N ALA A 192 12.27 16.49 -3.45
CA ALA A 192 12.02 15.09 -3.83
C ALA A 192 12.28 14.84 -5.33
N GLY A 193 13.37 15.41 -5.85
CA GLY A 193 13.72 15.32 -7.28
C GLY A 193 13.18 16.49 -8.06
N LYS A 194 13.83 16.79 -9.20
CA LYS A 194 13.54 18.02 -9.93
C LYS A 194 12.50 17.94 -11.05
N PHE A 195 12.06 16.75 -11.45
CA PHE A 195 10.92 16.58 -12.40
C PHE A 195 11.07 17.30 -13.75
N GLN A 196 11.06 18.65 -13.78
CA GLN A 196 11.18 19.36 -15.06
C GLN A 196 12.51 19.12 -15.78
N ILE A 197 13.62 18.97 -15.04
CA ILE A 197 14.89 18.60 -15.70
C ILE A 197 14.74 17.18 -16.27
N TYR A 198 14.10 16.30 -15.50
CA TYR A 198 13.84 14.92 -15.93
C TYR A 198 13.02 14.90 -17.20
N PHE A 199 11.90 15.64 -17.24
CA PHE A 199 11.08 15.72 -18.46
C PHE A 199 11.60 16.80 -19.42
N ASP A 200 12.91 16.72 -19.71
CA ASP A 200 13.55 17.50 -20.76
C ASP A 200 13.29 19.01 -20.64
N ASN A 201 13.35 19.53 -19.41
CA ASN A 201 13.21 20.96 -19.10
C ASN A 201 11.91 21.52 -19.64
N CYS A 202 10.81 21.05 -19.07
CA CYS A 202 9.45 21.36 -19.49
C CYS A 202 8.89 22.41 -18.54
N PRO A 203 7.80 23.09 -18.92
CA PRO A 203 7.30 24.17 -18.05
C PRO A 203 6.93 23.78 -16.64
N LEU A 204 6.99 24.76 -15.75
CA LEU A 204 6.60 24.63 -14.36
C LEU A 204 5.53 25.65 -14.06
N LEU A 205 4.52 25.27 -13.29
CA LEU A 205 3.52 26.20 -12.79
C LEU A 205 3.44 26.00 -11.29
N THR A 206 3.66 27.07 -10.51
CA THR A 206 3.64 26.98 -9.05
C THR A 206 2.49 27.79 -8.47
N ILE A 207 1.76 27.19 -7.55
CA ILE A 207 0.61 27.82 -6.93
C ILE A 207 0.99 28.27 -5.53
N PRO A 208 0.95 29.59 -5.26
CA PRO A 208 1.32 30.05 -3.92
C PRO A 208 0.53 29.40 -2.77
N GLY A 209 1.20 29.19 -1.65
CA GLY A 209 0.56 28.64 -0.47
C GLY A 209 -0.24 29.66 0.30
N ARG A 210 -1.29 29.20 0.99
CA ARG A 210 -2.10 30.01 1.88
C ARG A 210 -2.04 29.39 3.25
N THR A 211 -0.82 29.07 3.67
CA THR A 211 -0.56 28.40 4.93
C THR A 211 -0.57 29.43 6.05
N HIS A 212 -1.61 29.41 6.87
CA HIS A 212 -1.66 30.27 8.03
C HIS A 212 -0.52 29.85 9.01
N PRO A 213 0.45 30.76 9.30
CA PRO A 213 1.69 30.44 10.04
C PRO A 213 1.51 29.46 11.20
N VAL A 214 2.48 28.57 11.42
CA VAL A 214 2.33 27.48 12.39
C VAL A 214 3.44 27.47 13.43
N GLU A 215 3.03 27.54 14.70
CA GLU A 215 3.96 27.53 15.82
C GLU A 215 4.47 26.13 16.07
N ILE A 216 5.74 25.91 15.78
CA ILE A 216 6.37 24.62 16.01
C ILE A 216 6.79 24.54 17.49
N PHE A 217 6.19 23.57 18.19
CA PHE A 217 6.55 23.18 19.56
C PHE A 217 7.47 21.93 19.54
N TYR A 218 8.14 21.68 20.66
CA TYR A 218 9.03 20.53 20.82
C TYR A 218 8.88 19.95 22.23
N THR A 219 9.73 18.97 22.56
CA THR A 219 9.90 18.46 23.91
C THR A 219 11.40 18.61 24.32
N PRO A 220 11.71 18.73 25.64
CA PRO A 220 13.10 19.01 26.10
C PRO A 220 14.20 17.97 25.76
N GLU A 221 13.87 16.69 25.87
CA GLU A 221 14.80 15.59 25.57
C GLU A 221 14.03 14.43 24.90
N PRO A 222 14.75 13.41 24.37
CA PRO A 222 14.03 12.36 23.60
C PRO A 222 12.93 11.58 24.36
N GLU A 223 11.73 11.55 23.79
CA GLU A 223 10.60 10.77 24.31
C GLU A 223 10.75 9.28 23.93
N ARG A 224 10.31 8.39 24.83
CA ARG A 224 10.44 6.92 24.61
C ARG A 224 9.12 6.28 24.16
N ASP A 225 8.10 6.28 25.03
CA ASP A 225 6.77 5.81 24.66
C ASP A 225 5.98 7.04 24.19
N TYR A 226 6.03 7.31 22.89
CA TYR A 226 5.27 8.44 22.31
C TYR A 226 3.75 8.20 22.19
N LEU A 227 3.28 6.94 22.09
CA LEU A 227 1.82 6.65 21.96
C LEU A 227 1.03 7.32 23.06
N GLU A 228 1.40 7.06 24.31
CA GLU A 228 0.71 7.63 25.46
C GLU A 228 1.11 9.10 25.67
N ALA A 229 2.38 9.44 25.40
CA ALA A 229 2.86 10.83 25.46
C ALA A 229 2.35 11.76 24.31
N ALA A 230 1.78 11.18 23.25
CA ALA A 230 1.02 11.94 22.25
C ALA A 230 -0.48 11.94 22.57
N ILE A 231 -0.96 10.96 23.36
CA ILE A 231 -2.30 11.01 23.98
C ILE A 231 -2.40 12.17 24.98
N ARG A 232 -1.33 12.42 25.73
CA ARG A 232 -1.28 13.53 26.73
C ARG A 232 -1.10 14.92 26.07
N THR A 233 -0.65 14.95 24.82
CA THR A 233 -0.76 16.14 23.95
C THR A 233 -2.20 16.28 23.41
N VAL A 234 -2.84 15.18 23.00
CA VAL A 234 -4.25 15.21 22.55
C VAL A 234 -5.23 15.73 23.63
N ILE A 235 -4.99 15.33 24.88
CA ILE A 235 -5.86 15.74 25.99
C ILE A 235 -5.63 17.20 26.38
N GLN A 236 -4.37 17.61 26.56
CA GLN A 236 -4.04 18.99 26.98
C GLN A 236 -4.43 20.05 25.96
N ILE A 237 -4.38 19.69 24.68
CA ILE A 237 -4.97 20.52 23.62
C ILE A 237 -6.49 20.63 23.80
N HIS A 238 -7.16 19.51 24.08
CA HIS A 238 -8.62 19.50 24.29
C HIS A 238 -9.11 19.95 25.68
N MET A 239 -8.25 20.68 26.41
CA MET A 239 -8.70 21.47 27.55
C MET A 239 -8.04 22.86 27.59
N CYS A 240 -6.71 22.93 27.56
CA CYS A 240 -6.00 24.23 27.61
C CYS A 240 -6.36 25.25 26.52
N GLU A 241 -6.71 24.80 25.32
CA GLU A 241 -6.95 25.70 24.17
C GLU A 241 -8.42 26.16 24.13
N GLU A 242 -8.62 27.44 23.80
CA GLU A 242 -9.89 28.15 24.06
C GLU A 242 -10.77 28.41 22.82
N GLU A 243 -10.15 28.59 21.66
CA GLU A 243 -10.90 28.69 20.40
C GLU A 243 -11.13 27.30 19.86
N GLU A 244 -12.08 27.18 18.94
CA GLU A 244 -12.40 25.89 18.31
C GLU A 244 -11.29 25.38 17.39
N GLY A 245 -11.49 24.17 16.87
CA GLY A 245 -10.60 23.59 15.87
C GLY A 245 -10.28 22.15 16.17
N ASP A 246 -10.08 21.38 15.10
CA ASP A 246 -9.93 19.94 15.18
C ASP A 246 -8.46 19.53 15.32
N LEU A 247 -8.26 18.26 15.65
CA LEU A 247 -6.91 17.70 15.92
C LEU A 247 -6.57 16.61 14.89
N LEU A 248 -5.29 16.56 14.51
CA LEU A 248 -4.73 15.52 13.64
C LEU A 248 -3.46 14.98 14.26
N LEU A 249 -3.48 13.70 14.60
CA LEU A 249 -2.30 12.99 15.16
C LEU A 249 -1.80 11.90 14.19
N PHE A 250 -0.49 11.93 13.92
CA PHE A 250 0.19 11.02 13.02
C PHE A 250 0.78 9.82 13.77
N LEU A 251 0.10 8.67 13.68
CA LEU A 251 0.64 7.38 14.13
C LEU A 251 1.13 6.62 12.90
N THR A 252 1.68 5.42 13.10
CA THR A 252 2.33 4.70 12.02
C THR A 252 1.56 3.50 11.39
N GLY A 253 0.39 3.13 11.91
CA GLY A 253 -0.37 2.02 11.29
C GLY A 253 -1.63 1.67 12.02
N GLN A 254 -2.40 0.71 11.49
CA GLN A 254 -3.77 0.48 11.92
C GLN A 254 -4.04 -0.45 13.13
N GLU A 255 -3.05 -0.72 13.98
CA GLU A 255 -3.27 -1.34 15.30
C GLU A 255 -3.05 -0.26 16.35
N GLU A 256 -1.86 0.33 16.30
CA GLU A 256 -1.48 1.51 17.08
C GLU A 256 -2.53 2.62 17.00
N ILE A 257 -3.12 2.78 15.82
CA ILE A 257 -4.24 3.69 15.61
C ILE A 257 -5.48 3.22 16.36
N ASP A 258 -5.89 1.97 16.15
CA ASP A 258 -7.10 1.44 16.79
C ASP A 258 -6.95 1.38 18.32
N GLU A 259 -5.77 1.01 18.79
CA GLU A 259 -5.39 1.13 20.20
C GLU A 259 -5.82 2.51 20.71
N ALA A 260 -5.28 3.56 20.06
CA ALA A 260 -5.50 4.94 20.47
C ALA A 260 -6.94 5.45 20.26
N CYS A 261 -7.78 4.72 19.52
CA CYS A 261 -9.22 5.02 19.42
C CYS A 261 -10.11 4.16 20.37
N LYS A 262 -9.62 2.99 20.79
CA LYS A 262 -10.23 2.22 21.91
C LYS A 262 -9.90 2.93 23.23
N ARG A 263 -8.60 3.10 23.46
CA ARG A 263 -8.09 4.10 24.41
C ARG A 263 -8.60 5.44 23.89
N ILE A 264 -8.84 6.39 24.79
CA ILE A 264 -9.35 7.71 24.41
C ILE A 264 -10.82 7.60 23.86
N LYS A 265 -11.55 6.54 24.25
CA LYS A 265 -13.02 6.41 24.07
C LYS A 265 -13.79 6.11 25.38
N ARG A 266 -13.20 5.36 26.31
CA ARG A 266 -13.66 5.29 27.71
C ARG A 266 -13.04 6.43 28.53
N GLU A 267 -11.71 6.55 28.45
CA GLU A 267 -11.01 7.83 28.62
C GLU A 267 -11.30 8.53 27.29
N VAL A 268 -11.41 9.85 27.16
CA VAL A 268 -11.24 10.88 28.20
C VAL A 268 -12.60 11.33 28.75
N ASP A 269 -13.67 10.58 28.45
CA ASP A 269 -14.91 10.64 29.25
C ASP A 269 -14.73 9.93 30.60
N ASP A 270 -13.48 9.68 30.97
CA ASP A 270 -13.02 9.88 32.33
C ASP A 270 -13.09 11.39 32.54
N LEU A 271 -14.25 11.83 33.05
CA LEU A 271 -14.79 13.22 33.06
C LEU A 271 -16.25 13.11 32.62
N GLY A 272 -17.16 13.82 33.28
CA GLY A 272 -18.61 13.67 33.07
C GLY A 272 -19.10 14.33 31.80
N PRO A 273 -20.19 15.11 31.88
CA PRO A 273 -20.52 16.03 30.78
C PRO A 273 -19.57 17.24 30.61
N GLU A 274 -18.91 17.67 31.69
CA GLU A 274 -18.16 18.96 31.79
C GLU A 274 -17.29 19.44 30.59
N VAL A 275 -16.29 18.65 30.20
CA VAL A 275 -15.40 18.99 29.06
C VAL A 275 -16.09 18.74 27.72
N GLY A 276 -15.53 19.36 26.69
CA GLY A 276 -16.13 19.37 25.36
C GLY A 276 -16.08 18.02 24.70
N ASP A 277 -17.12 17.71 23.92
CA ASP A 277 -17.21 16.42 23.23
C ASP A 277 -16.10 16.23 22.20
N ILE A 278 -15.94 14.97 21.81
CA ILE A 278 -14.94 14.54 20.83
C ILE A 278 -15.54 13.48 19.90
N LYS A 279 -15.54 13.78 18.60
CA LYS A 279 -15.86 12.82 17.56
C LYS A 279 -14.50 12.29 17.12
N ILE A 280 -14.24 11.02 17.39
CA ILE A 280 -12.91 10.43 17.14
C ILE A 280 -12.97 9.58 15.87
N ILE A 281 -12.01 9.83 14.98
CA ILE A 281 -12.02 9.26 13.63
C ILE A 281 -10.64 8.66 13.32
N PRO A 282 -10.63 7.38 12.85
CA PRO A 282 -9.39 6.71 12.45
C PRO A 282 -9.23 6.73 10.93
N LEU A 283 -7.98 6.83 10.48
CA LEU A 283 -7.67 6.83 9.06
C LEU A 283 -6.44 5.97 8.79
N TYR A 284 -6.66 4.95 7.94
CA TYR A 284 -5.60 4.02 7.51
C TYR A 284 -5.96 3.32 6.19
N SER A 285 -4.95 2.79 5.50
CA SER A 285 -5.09 2.20 4.12
C SER A 285 -6.31 1.32 3.79
N THR A 286 -6.79 0.62 4.80
CA THR A 286 -7.76 -0.47 4.70
C THR A 286 -9.23 -0.10 4.61
N LEU A 287 -9.60 1.06 5.15
CA LEU A 287 -11.02 1.34 5.42
C LEU A 287 -11.87 1.31 4.16
N PRO A 288 -13.12 0.80 4.26
CA PRO A 288 -14.02 0.85 3.10
C PRO A 288 -14.56 2.28 2.87
N PRO A 289 -15.03 2.59 1.63
CA PRO A 289 -15.50 3.95 1.31
C PRO A 289 -16.50 4.51 2.32
N GLN A 290 -17.61 3.80 2.54
CA GLN A 290 -18.64 4.18 3.51
C GLN A 290 -18.11 4.63 4.89
N GLN A 291 -16.85 4.33 5.22
CA GLN A 291 -16.21 4.77 6.46
C GLN A 291 -14.93 5.60 6.32
N GLN A 292 -14.38 5.69 5.12
CA GLN A 292 -13.37 6.72 4.79
C GLN A 292 -13.98 8.11 4.92
N GLN A 293 -15.23 8.22 4.48
CA GLN A 293 -15.89 9.52 4.29
C GLN A 293 -16.37 10.17 5.59
N ARG A 294 -15.97 9.64 6.76
CA ARG A 294 -16.25 10.26 8.04
C ARG A 294 -15.17 11.24 8.50
N ILE A 295 -14.00 11.26 7.85
CA ILE A 295 -13.06 12.35 8.12
C ILE A 295 -13.65 13.71 7.68
N PHE A 296 -14.53 13.65 6.67
CA PHE A 296 -15.32 14.79 6.17
C PHE A 296 -16.70 14.76 6.85
N GLU A 297 -16.76 15.33 8.04
CA GLU A 297 -17.99 15.41 8.80
C GLU A 297 -17.85 16.58 9.74
N PRO A 298 -18.98 17.20 10.12
CA PRO A 298 -18.88 18.34 11.03
C PRO A 298 -18.65 17.82 12.45
N PRO A 299 -17.77 18.48 13.23
CA PRO A 299 -17.56 18.08 14.64
C PRO A 299 -18.84 18.11 15.49
N PRO A 300 -18.78 17.55 16.73
CA PRO A 300 -19.98 17.58 17.56
C PRO A 300 -20.26 19.01 18.03
N PRO A 301 -21.55 19.37 18.25
CA PRO A 301 -21.87 20.74 18.70
C PRO A 301 -21.24 21.18 20.02
N LYS A 302 -21.23 22.49 20.26
CA LYS A 302 -20.80 23.09 21.52
C LYS A 302 -21.83 22.78 22.59
N LYS A 303 -21.37 22.36 23.77
CA LYS A 303 -22.27 22.12 24.90
C LYS A 303 -22.74 23.47 25.46
N GLN A 304 -24.01 23.53 25.86
CA GLN A 304 -24.64 24.76 26.41
C GLN A 304 -23.75 25.58 27.35
N ASN A 305 -23.03 24.87 28.21
CA ASN A 305 -22.10 25.44 29.18
C ASN A 305 -20.69 25.36 28.65
N GLY A 306 -20.24 24.12 28.46
CA GLY A 306 -18.84 23.79 28.42
C GLY A 306 -18.10 24.02 27.12
N ALA A 307 -17.02 23.26 26.99
CA ALA A 307 -15.97 23.55 26.02
C ALA A 307 -16.40 23.27 24.60
N ILE A 308 -15.47 23.57 23.70
CA ILE A 308 -15.64 23.37 22.29
C ILE A 308 -15.95 21.88 22.02
N GLY A 309 -16.99 21.63 21.22
CA GLY A 309 -17.22 20.32 20.64
C GLY A 309 -16.23 20.15 19.49
N ARG A 310 -15.43 19.07 19.55
CA ARG A 310 -14.20 18.98 18.76
C ARG A 310 -14.08 17.63 18.04
N LYS A 311 -13.21 17.59 17.03
CA LYS A 311 -12.97 16.39 16.24
C LYS A 311 -11.48 16.07 16.32
N VAL A 312 -11.18 14.81 16.60
CA VAL A 312 -9.80 14.32 16.59
C VAL A 312 -9.69 13.20 15.54
N VAL A 313 -8.84 13.40 14.53
CA VAL A 313 -8.56 12.40 13.50
C VAL A 313 -7.24 11.74 13.88
N VAL A 314 -7.25 10.41 13.96
CA VAL A 314 -6.06 9.63 14.31
C VAL A 314 -5.72 8.83 13.08
N SER A 315 -4.53 9.07 12.53
CA SER A 315 -4.29 8.78 11.13
C SER A 315 -2.85 8.48 10.73
N THR A 316 -2.71 7.74 9.62
CA THR A 316 -1.39 7.52 9.04
C THR A 316 -1.01 8.76 8.24
N ASN A 317 0.23 8.76 7.79
CA ASN A 317 0.74 9.74 6.86
C ASN A 317 -0.02 9.77 5.48
N ILE A 318 -1.20 9.14 5.40
CA ILE A 318 -2.24 9.49 4.43
C ILE A 318 -2.58 10.99 4.51
N ALA A 319 -2.75 11.50 5.74
CA ALA A 319 -3.08 12.91 5.96
C ALA A 319 -1.88 13.86 5.86
N GLU A 320 -0.67 13.33 5.67
CA GLU A 320 0.50 14.19 5.48
C GLU A 320 0.30 15.14 4.29
N THR A 321 0.17 14.61 3.08
CA THR A 321 -0.11 15.41 1.88
C THR A 321 -1.32 14.97 1.01
N SER A 322 -1.70 13.70 1.04
CA SER A 322 -2.68 13.16 0.05
C SER A 322 -4.10 13.70 0.15
N LEU A 323 -4.45 14.28 1.29
CA LEU A 323 -5.75 14.95 1.44
C LEU A 323 -5.74 16.01 2.56
N THR A 324 -6.86 16.73 2.66
CA THR A 324 -7.05 17.81 3.63
C THR A 324 -8.31 17.51 4.39
N ILE A 325 -8.26 17.79 5.70
CA ILE A 325 -9.42 17.81 6.54
C ILE A 325 -9.59 19.28 6.96
N ASP A 326 -10.75 19.87 6.63
CA ASP A 326 -11.05 21.26 6.96
C ASP A 326 -11.50 21.36 8.41
N GLY A 327 -10.87 22.26 9.16
CA GLY A 327 -11.10 22.39 10.61
C GLY A 327 -9.86 22.22 11.46
N VAL A 328 -8.77 21.73 10.87
CA VAL A 328 -7.58 21.30 11.60
C VAL A 328 -6.63 22.45 11.94
N VAL A 329 -6.49 22.71 13.23
CA VAL A 329 -5.52 23.70 13.75
C VAL A 329 -4.37 23.06 14.53
N PHE A 330 -4.58 21.86 15.06
CA PHE A 330 -3.62 21.24 15.97
C PHE A 330 -3.08 19.93 15.41
N VAL A 331 -1.77 19.91 15.09
CA VAL A 331 -1.08 18.74 14.55
C VAL A 331 -0.04 18.20 15.54
N ILE A 332 -0.17 16.93 15.92
CA ILE A 332 0.78 16.25 16.83
C ILE A 332 1.64 15.27 16.01
N ASP A 333 2.97 15.48 16.04
CA ASP A 333 3.91 14.76 15.20
C ASP A 333 4.93 13.92 16.05
N PRO A 334 4.53 12.66 16.42
CA PRO A 334 5.46 11.63 16.93
C PRO A 334 6.75 11.45 16.13
N GLY A 335 6.64 11.58 14.80
CA GLY A 335 7.81 11.67 13.93
C GLY A 335 8.34 10.36 13.40
N PHE A 336 7.48 9.35 13.38
CA PHE A 336 7.81 8.08 12.75
C PHE A 336 6.74 7.72 11.72
N ALA A 337 7.04 6.73 10.88
CA ALA A 337 6.07 6.16 9.93
C ALA A 337 6.51 4.78 9.47
N LYS A 338 5.53 3.96 9.06
CA LYS A 338 5.77 2.62 8.49
C LYS A 338 6.44 2.76 7.13
N GLN A 339 7.77 2.76 7.12
CA GLN A 339 8.51 2.69 5.88
C GLN A 339 8.71 1.25 5.47
N LYS A 340 9.15 1.10 4.24
CA LYS A 340 9.65 -0.13 3.69
C LYS A 340 11.16 -0.04 3.79
N VAL A 341 11.79 -1.11 4.27
CA VAL A 341 13.25 -1.22 4.30
C VAL A 341 13.63 -2.45 3.49
N TYR A 342 14.84 -2.43 2.92
CA TYR A 342 15.37 -3.58 2.17
C TYR A 342 16.89 -3.51 2.09
N ASN A 343 17.53 -4.39 2.86
CA ASN A 343 18.98 -4.60 2.73
C ASN A 343 19.20 -5.43 1.45
N PRO A 344 20.04 -4.92 0.52
CA PRO A 344 20.32 -5.70 -0.70
C PRO A 344 21.28 -6.88 -0.49
N ARG A 345 22.00 -6.90 0.64
CA ARG A 345 22.91 -8.00 1.00
C ARG A 345 22.25 -9.05 1.92
N ILE A 346 21.48 -8.58 2.92
CA ILE A 346 20.63 -9.45 3.76
C ILE A 346 19.49 -10.08 2.92
N ARG A 347 18.97 -9.31 1.96
CA ARG A 347 17.90 -9.73 1.02
C ARG A 347 16.54 -9.92 1.70
N VAL A 348 16.30 -9.09 2.74
CA VAL A 348 15.11 -9.13 3.59
C VAL A 348 14.37 -7.81 3.41
N GLU A 349 13.10 -7.90 3.00
CA GLU A 349 12.20 -6.75 3.00
C GLU A 349 11.30 -6.87 4.23
N SER A 350 11.02 -5.73 4.85
CA SER A 350 10.15 -5.69 6.03
C SER A 350 9.60 -4.27 6.20
N LEU A 351 8.47 -4.12 6.88
CA LEU A 351 7.86 -2.80 7.12
C LEU A 351 8.28 -2.29 8.52
N LEU A 352 9.06 -1.21 8.55
CA LEU A 352 9.66 -0.71 9.80
C LEU A 352 9.26 0.70 10.16
N VAL A 353 9.00 0.91 11.44
CA VAL A 353 8.69 2.22 11.97
C VAL A 353 10.03 2.94 12.07
N THR A 354 10.13 4.15 11.50
CA THR A 354 11.38 4.91 11.53
C THR A 354 11.21 6.43 11.33
N ALA A 355 12.25 7.17 11.72
CA ALA A 355 12.18 8.63 11.77
C ALA A 355 11.92 9.25 10.40
N ILE A 356 11.04 10.25 10.37
CA ILE A 356 10.69 10.97 9.13
C ILE A 356 11.75 12.02 8.75
N SER A 357 11.64 12.55 7.55
CA SER A 357 12.56 13.61 7.08
C SER A 357 12.10 15.03 7.47
N LYS A 358 12.99 16.00 7.29
CA LYS A 358 12.66 17.39 7.54
C LYS A 358 11.56 17.80 6.56
N ALA A 359 11.70 17.41 5.29
CA ALA A 359 10.63 17.53 4.31
C ALA A 359 9.30 17.08 4.91
N SER A 360 9.26 15.86 5.44
CA SER A 360 8.00 15.29 5.98
C SER A 360 7.45 16.03 7.19
N ALA A 361 8.32 16.29 8.17
CA ALA A 361 7.88 16.96 9.41
C ALA A 361 7.18 18.27 9.07
N GLN A 362 7.83 19.03 8.20
CA GLN A 362 7.35 20.32 7.71
C GLN A 362 6.02 20.25 6.95
N GLN A 363 5.83 19.16 6.19
CA GLN A 363 4.54 18.86 5.58
C GLN A 363 3.41 18.65 6.61
N ARG A 364 3.69 17.82 7.59
CA ARG A 364 2.72 17.50 8.66
C ARG A 364 2.31 18.74 9.45
N ALA A 365 3.29 19.60 9.73
CA ALA A 365 3.04 20.88 10.42
C ALA A 365 2.17 21.78 9.57
N GLY A 366 2.41 21.76 8.26
CA GLY A 366 1.60 22.45 7.28
C GLY A 366 0.10 22.26 7.45
N ARG A 367 -0.34 21.07 7.89
CA ARG A 367 -1.79 20.78 8.00
C ARG A 367 -2.49 21.63 9.03
N ALA A 368 -1.80 21.95 10.12
CA ALA A 368 -2.32 22.86 11.15
C ALA A 368 -2.64 24.27 10.64
N GLY A 369 -1.98 24.71 9.57
CA GLY A 369 -2.15 26.07 9.02
C GLY A 369 -3.18 26.31 7.93
N ARG A 370 -4.11 25.38 7.73
CA ARG A 370 -5.00 25.39 6.56
C ARG A 370 -6.41 25.96 6.87
N THR A 371 -6.54 26.67 7.99
CA THR A 371 -7.77 27.43 8.28
C THR A 371 -7.43 28.74 8.98
N ARG A 372 -6.77 28.62 10.11
CA ARG A 372 -6.21 29.76 10.83
C ARG A 372 -4.79 29.37 11.23
N PRO A 373 -4.04 30.28 11.85
CA PRO A 373 -2.74 29.89 12.41
C PRO A 373 -2.87 28.75 13.43
N GLY A 374 -1.88 27.87 13.47
CA GLY A 374 -1.93 26.69 14.31
C GLY A 374 -0.64 26.33 15.01
N LYS A 375 -0.71 25.21 15.72
CA LYS A 375 0.40 24.70 16.49
C LYS A 375 0.65 23.26 16.08
N CYS A 376 1.90 22.95 15.76
CA CYS A 376 2.36 21.57 15.63
C CYS A 376 3.16 21.16 16.88
N PHE A 377 2.71 20.10 17.56
CA PHE A 377 3.40 19.57 18.76
C PHE A 377 4.24 18.33 18.42
N ARG A 378 5.38 18.62 17.80
CA ARG A 378 6.42 17.65 17.47
C ARG A 378 7.04 17.09 18.76
N LEU A 379 7.05 15.76 18.90
CA LEU A 379 7.50 15.11 20.14
C LEU A 379 8.97 14.66 20.07
N TYR A 380 9.84 15.63 19.72
CA TYR A 380 11.29 15.44 19.60
C TYR A 380 11.93 16.68 20.23
N THR A 381 13.25 16.78 20.06
CA THR A 381 14.02 17.99 20.31
C THR A 381 14.31 18.74 19.00
N GLU A 382 14.92 19.92 19.10
CA GLU A 382 15.48 20.62 17.94
C GLU A 382 16.70 19.88 17.37
N LYS A 383 17.47 19.22 18.25
CA LYS A 383 18.61 18.39 17.83
C LYS A 383 18.13 17.17 17.05
N ALA A 384 17.04 16.54 17.50
CA ALA A 384 16.35 15.52 16.71
C ALA A 384 15.41 16.18 15.69
N TYR A 385 16.02 16.92 14.76
CA TYR A 385 15.35 17.61 13.66
C TYR A 385 16.42 18.37 12.89
N LYS A 386 17.05 19.34 13.57
CA LYS A 386 18.07 20.22 12.97
C LYS A 386 19.32 19.44 12.55
N THR A 387 19.76 18.54 13.44
CA THR A 387 21.02 17.82 13.27
C THR A 387 20.90 16.30 13.03
N GLU A 388 19.79 15.69 13.47
CA GLU A 388 19.67 14.22 13.54
C GLU A 388 18.73 13.57 12.50
N MET A 389 18.07 14.38 11.69
CA MET A 389 17.06 13.91 10.73
C MET A 389 17.44 14.30 9.31
N GLN A 390 16.99 13.51 8.35
CA GLN A 390 17.31 13.75 6.94
C GLN A 390 16.51 14.94 6.41
N ASP A 391 17.03 15.60 5.38
CA ASP A 391 16.28 16.64 4.65
C ASP A 391 15.16 15.96 3.86
N ASN A 392 15.53 14.92 3.12
CA ASN A 392 14.59 14.16 2.32
C ASN A 392 14.78 12.67 2.59
N THR A 393 13.67 11.98 2.85
CA THR A 393 13.66 10.52 2.94
C THR A 393 14.07 9.98 1.58
N TYR A 394 14.83 8.89 1.58
CA TYR A 394 15.26 8.29 0.32
C TYR A 394 14.03 7.96 -0.56
N PRO A 395 14.11 8.23 -1.87
CA PRO A 395 12.99 7.78 -2.72
C PRO A 395 12.83 6.27 -2.64
N GLU A 396 11.59 5.81 -2.47
CA GLU A 396 11.26 4.39 -2.29
C GLU A 396 11.98 3.35 -3.20
N ILE A 397 12.41 3.75 -4.40
CA ILE A 397 13.25 2.90 -5.26
C ILE A 397 14.63 2.52 -4.67
N LEU A 398 15.08 3.23 -3.63
CA LEU A 398 16.32 2.90 -2.94
C LEU A 398 16.08 2.15 -1.61
N ARG A 399 14.83 1.82 -1.31
CA ARG A 399 14.43 1.12 -0.09
C ARG A 399 13.55 -0.10 -0.32
N SER A 400 13.58 -0.65 -1.53
CA SER A 400 12.68 -1.75 -1.89
C SER A 400 13.38 -2.85 -2.67
N ASN A 401 12.85 -4.06 -2.55
CA ASN A 401 13.25 -5.13 -3.43
C ASN A 401 12.49 -4.92 -4.76
N LEU A 402 13.24 -4.97 -5.84
CA LEU A 402 12.73 -4.58 -7.11
C LEU A 402 12.32 -5.79 -7.96
N GLY A 403 11.98 -6.90 -7.31
CA GLY A 403 11.52 -8.08 -7.99
C GLY A 403 10.28 -7.82 -8.84
N SER A 404 9.21 -7.29 -8.23
CA SER A 404 7.98 -6.99 -9.00
C SER A 404 8.18 -5.96 -10.13
N VAL A 405 8.82 -4.85 -9.78
CA VAL A 405 9.29 -3.79 -10.69
C VAL A 405 9.99 -4.32 -11.97
N VAL A 406 11.03 -5.10 -11.75
CA VAL A 406 11.87 -5.65 -12.82
C VAL A 406 11.01 -6.53 -13.73
N LEU A 407 10.14 -7.36 -13.12
CA LEU A 407 9.27 -8.21 -13.89
C LEU A 407 8.37 -7.35 -14.76
N GLN A 408 7.75 -6.35 -14.16
CA GLN A 408 6.88 -5.39 -14.91
C GLN A 408 7.60 -4.67 -16.02
N LEU A 409 8.83 -4.24 -15.80
CA LEU A 409 9.58 -3.60 -16.89
C LEU A 409 9.87 -4.58 -17.98
N LYS A 410 10.31 -5.78 -17.62
CA LYS A 410 10.55 -6.84 -18.63
C LYS A 410 9.27 -7.19 -19.42
N LYS A 411 8.13 -7.26 -18.73
CA LYS A 411 6.84 -7.49 -19.42
C LYS A 411 6.50 -6.35 -20.37
N LEU A 412 6.85 -5.13 -19.98
CA LEU A 412 6.73 -3.98 -20.86
C LEU A 412 7.75 -3.93 -22.02
N GLY A 413 8.63 -4.93 -22.16
CA GLY A 413 9.57 -5.00 -23.29
C GLY A 413 10.92 -4.34 -23.07
N ILE A 414 11.24 -3.99 -21.82
CA ILE A 414 12.49 -3.31 -21.50
C ILE A 414 13.54 -4.35 -21.18
N ASP A 415 14.48 -4.54 -22.11
CA ASP A 415 15.47 -5.60 -22.02
C ASP A 415 16.62 -5.12 -21.16
N ASP A 416 17.35 -4.12 -21.63
CA ASP A 416 18.51 -3.61 -20.92
C ASP A 416 18.01 -2.68 -19.82
N LEU A 417 18.52 -2.87 -18.61
CA LEU A 417 17.95 -2.22 -17.41
C LEU A 417 18.80 -1.10 -16.82
N VAL A 418 20.12 -1.16 -17.00
CA VAL A 418 20.99 -0.01 -16.73
C VAL A 418 20.78 1.06 -17.82
N HIS A 419 20.55 0.63 -19.06
CA HIS A 419 20.07 1.52 -20.14
C HIS A 419 18.55 1.79 -20.01
N PHE A 420 18.14 2.34 -18.86
CA PHE A 420 16.74 2.71 -18.61
C PHE A 420 16.73 3.90 -17.68
N ASP A 421 15.90 4.88 -18.04
CA ASP A 421 15.98 6.22 -17.53
C ASP A 421 15.26 6.41 -16.18
N PHE A 422 15.79 5.82 -15.11
CA PHE A 422 15.25 6.10 -13.77
C PHE A 422 15.58 7.55 -13.44
N MET A 423 14.74 8.21 -12.66
CA MET A 423 15.08 9.54 -12.18
C MET A 423 16.21 9.39 -11.19
N ASP A 424 16.03 8.48 -10.24
CA ASP A 424 17.08 8.08 -9.29
C ASP A 424 17.34 6.59 -9.46
N PRO A 425 18.44 6.22 -10.16
CA PRO A 425 18.64 4.81 -10.48
C PRO A 425 18.92 3.95 -9.23
N PRO A 426 18.42 2.71 -9.19
CA PRO A 426 18.60 1.86 -8.01
C PRO A 426 20.03 1.34 -7.92
N ALA A 427 20.47 0.95 -6.72
CA ALA A 427 21.81 0.36 -6.55
C ALA A 427 21.89 -0.89 -7.42
N PRO A 428 22.91 -1.01 -8.32
CA PRO A 428 22.89 -2.14 -9.27
C PRO A 428 22.95 -3.54 -8.62
N GLU A 429 23.26 -3.62 -7.33
CA GLU A 429 23.16 -4.85 -6.55
C GLU A 429 21.71 -5.23 -6.30
N THR A 430 20.86 -4.26 -6.02
CA THR A 430 19.45 -4.52 -5.72
C THR A 430 18.76 -4.99 -7.00
N LEU A 431 19.09 -4.31 -8.08
CA LEU A 431 18.73 -4.71 -9.43
C LEU A 431 19.14 -6.15 -9.75
N MET A 432 20.37 -6.54 -9.44
CA MET A 432 20.85 -7.89 -9.74
C MET A 432 20.22 -8.98 -8.87
N ARG A 433 19.94 -8.69 -7.58
CA ARG A 433 19.16 -9.58 -6.68
C ARG A 433 17.73 -9.82 -7.20
N ALA A 434 17.14 -8.78 -7.77
CA ALA A 434 15.84 -8.90 -8.43
C ALA A 434 15.91 -9.78 -9.67
N LEU A 435 16.94 -9.63 -10.48
CA LEU A 435 17.13 -10.51 -11.65
C LEU A 435 17.34 -11.97 -11.28
N GLU A 436 18.09 -12.21 -10.21
CA GLU A 436 18.35 -13.54 -9.72
C GLU A 436 17.09 -14.17 -9.16
N LEU A 437 16.38 -13.43 -8.30
CA LEU A 437 15.07 -13.86 -7.77
C LEU A 437 14.20 -14.38 -8.88
N LEU A 438 14.07 -13.59 -9.94
CA LEU A 438 13.20 -13.90 -11.02
C LEU A 438 13.66 -15.07 -11.89
N ASN A 439 14.97 -15.20 -12.01
CA ASN A 439 15.56 -16.37 -12.61
C ASN A 439 15.33 -17.62 -11.71
N TYR A 440 15.40 -17.47 -10.39
CA TYR A 440 15.12 -18.62 -9.51
C TYR A 440 13.66 -19.09 -9.68
N LEU A 441 12.78 -18.16 -9.95
CA LEU A 441 11.35 -18.45 -10.14
C LEU A 441 11.02 -18.87 -11.56
N ALA A 442 12.07 -18.95 -12.41
CA ALA A 442 11.93 -19.25 -13.81
C ALA A 442 11.11 -18.23 -14.58
N ALA A 443 11.04 -17.01 -14.08
CA ALA A 443 10.37 -15.92 -14.78
C ALA A 443 11.24 -15.30 -15.90
N LEU A 444 12.55 -15.37 -15.70
CA LEU A 444 13.56 -14.90 -16.60
C LEU A 444 14.53 -16.08 -16.86
N ASN A 445 15.04 -16.18 -18.10
CA ASN A 445 16.06 -17.18 -18.39
C ASN A 445 17.44 -16.64 -17.93
N ASP A 446 18.52 -17.33 -18.28
CA ASP A 446 19.87 -16.96 -17.77
C ASP A 446 20.43 -15.71 -18.45
N ASP A 447 19.90 -15.34 -19.62
CA ASP A 447 20.17 -14.04 -20.26
C ASP A 447 19.36 -12.87 -19.67
N GLY A 448 18.38 -13.16 -18.82
CA GLY A 448 17.53 -12.12 -18.26
C GLY A 448 16.36 -11.80 -19.17
N ASP A 449 16.07 -12.71 -20.09
CA ASP A 449 14.87 -12.56 -20.94
C ASP A 449 13.64 -13.22 -20.30
N LEU A 450 12.49 -12.61 -20.55
CA LEU A 450 11.21 -13.02 -20.01
C LEU A 450 10.85 -14.35 -20.62
N THR A 451 10.48 -15.31 -19.79
CA THR A 451 9.97 -16.61 -20.24
C THR A 451 8.47 -16.52 -20.45
N GLU A 452 7.86 -17.56 -20.99
CA GLU A 452 6.42 -17.61 -21.18
C GLU A 452 5.77 -17.55 -19.78
N LEU A 453 6.33 -18.31 -18.85
CA LEU A 453 5.90 -18.28 -17.45
C LEU A 453 6.04 -16.90 -16.78
N GLY A 454 7.17 -16.23 -17.01
CA GLY A 454 7.38 -14.86 -16.55
C GLY A 454 6.33 -13.90 -17.07
N SER A 455 6.09 -13.96 -18.37
CA SER A 455 5.04 -13.17 -19.03
C SER A 455 3.69 -13.38 -18.36
N MET A 456 3.37 -14.61 -18.01
CA MET A 456 2.06 -14.86 -17.40
C MET A 456 1.98 -14.35 -15.93
N MET A 457 3.03 -14.65 -15.16
CA MET A 457 3.22 -14.12 -13.80
C MET A 457 2.99 -12.59 -13.66
N ALA A 458 3.40 -11.89 -14.69
CA ALA A 458 3.37 -10.44 -14.73
C ALA A 458 1.97 -9.86 -14.79
N GLU A 459 1.01 -10.65 -15.30
CA GLU A 459 -0.38 -10.27 -15.38
C GLU A 459 -1.24 -10.64 -14.16
N PHE A 460 -0.60 -11.13 -13.11
CA PHE A 460 -1.24 -11.33 -11.82
C PHE A 460 -0.77 -10.15 -10.99
N PRO A 461 -1.71 -9.50 -10.29
CA PRO A 461 -1.32 -8.34 -9.51
C PRO A 461 -0.86 -8.82 -8.12
N LEU A 462 0.25 -9.54 -8.12
CA LEU A 462 0.82 -10.20 -6.96
C LEU A 462 2.35 -10.13 -7.04
N ASP A 463 2.99 -10.15 -5.89
CA ASP A 463 4.42 -10.45 -5.80
C ASP A 463 4.74 -11.65 -6.71
N PRO A 464 5.90 -11.59 -7.42
CA PRO A 464 6.32 -12.73 -8.21
C PRO A 464 6.25 -14.13 -7.53
N GLN A 465 6.62 -14.22 -6.26
CA GLN A 465 6.55 -15.47 -5.48
C GLN A 465 5.13 -16.06 -5.46
N LEU A 466 4.14 -15.18 -5.28
CA LEU A 466 2.73 -15.61 -5.13
C LEU A 466 2.23 -15.95 -6.49
N ALA A 467 2.63 -15.19 -7.47
CA ALA A 467 2.20 -15.47 -8.83
C ALA A 467 2.67 -16.82 -9.27
N LYS A 468 3.90 -17.15 -8.95
CA LYS A 468 4.48 -18.43 -9.38
C LYS A 468 3.80 -19.56 -8.64
N MET A 469 3.50 -19.34 -7.35
CA MET A 469 2.80 -20.34 -6.56
C MET A 469 1.42 -20.64 -7.15
N VAL A 470 0.71 -19.61 -7.56
CA VAL A 470 -0.68 -19.81 -8.14
C VAL A 470 -0.57 -20.62 -9.44
N ILE A 471 0.29 -20.15 -10.34
CA ILE A 471 0.46 -20.89 -11.62
C ILE A 471 0.94 -22.35 -11.46
N ALA A 472 2.01 -22.55 -10.67
CA ALA A 472 2.55 -23.87 -10.40
C ALA A 472 1.60 -24.80 -9.66
N SER A 473 0.67 -24.26 -8.87
CA SER A 473 -0.26 -25.10 -8.13
C SER A 473 -1.17 -25.92 -9.02
N CYS A 474 -1.32 -25.54 -10.28
CA CYS A 474 -2.19 -26.31 -11.19
C CYS A 474 -1.64 -27.70 -11.35
N ASP A 475 -0.31 -27.80 -11.44
CA ASP A 475 0.42 -29.07 -11.58
C ASP A 475 0.48 -29.89 -10.28
N TYR A 476 0.22 -29.29 -9.11
CA TYR A 476 0.02 -30.07 -7.92
C TYR A 476 -1.46 -30.33 -7.66
N ASN A 477 -2.35 -30.01 -8.61
CA ASN A 477 -3.77 -30.36 -8.49
C ASN A 477 -4.40 -29.72 -7.22
N CYS A 478 -4.02 -28.48 -6.94
CA CYS A 478 -4.57 -27.76 -5.75
C CYS A 478 -4.60 -26.30 -5.98
N SER A 479 -4.77 -25.93 -7.26
CA SER A 479 -4.96 -24.50 -7.59
C SER A 479 -6.13 -23.81 -6.85
N ASN A 480 -7.23 -24.54 -6.62
CA ASN A 480 -8.33 -23.98 -5.88
C ASN A 480 -7.92 -23.48 -4.46
N GLU A 481 -7.21 -24.29 -3.77
CA GLU A 481 -6.81 -24.05 -2.35
C GLU A 481 -5.69 -23.03 -2.31
N VAL A 482 -4.78 -23.09 -3.29
CA VAL A 482 -3.71 -22.13 -3.35
C VAL A 482 -4.28 -20.77 -3.71
N LEU A 483 -5.31 -20.70 -4.59
CA LEU A 483 -5.94 -19.44 -4.88
C LEU A 483 -6.60 -18.87 -3.57
N SER A 484 -7.20 -19.74 -2.79
CA SER A 484 -7.84 -19.28 -1.51
C SER A 484 -6.76 -18.73 -0.54
N ILE A 485 -5.68 -19.46 -0.40
CA ILE A 485 -4.54 -19.04 0.48
C ILE A 485 -3.95 -17.70 0.00
N THR A 486 -3.68 -17.62 -1.31
CA THR A 486 -3.24 -16.40 -1.93
C THR A 486 -4.17 -15.22 -1.66
N ALA A 487 -5.47 -15.45 -1.80
CA ALA A 487 -6.35 -14.37 -1.52
C ALA A 487 -6.27 -13.96 0.01
N MET A 488 -6.20 -14.92 0.92
CA MET A 488 -6.08 -14.59 2.38
C MET A 488 -4.76 -13.88 2.65
N LEU A 489 -3.73 -14.19 1.88
CA LEU A 489 -2.43 -13.55 2.09
C LEU A 489 -2.42 -12.12 1.53
N SER A 490 -3.38 -11.78 0.65
CA SER A 490 -3.39 -10.51 -0.06
C SER A 490 -4.28 -9.46 0.61
N VAL A 491 -4.86 -9.77 1.75
CA VAL A 491 -5.76 -8.83 2.43
C VAL A 491 -5.29 -8.66 3.88
N PRO A 492 -5.88 -7.71 4.62
CA PRO A 492 -5.34 -7.59 5.97
C PRO A 492 -5.56 -8.83 6.85
N GLN A 493 -4.68 -8.97 7.81
CA GLN A 493 -4.77 -9.89 8.95
C GLN A 493 -6.24 -10.23 9.29
N CYS A 494 -6.60 -11.52 9.31
CA CYS A 494 -8.01 -11.90 9.50
C CYS A 494 -8.43 -12.19 10.95
N PHE A 495 -7.49 -12.22 11.88
CA PHE A 495 -7.76 -12.65 13.24
C PHE A 495 -7.84 -11.43 14.09
N VAL A 496 -9.00 -11.23 14.74
CA VAL A 496 -9.17 -10.08 15.62
C VAL A 496 -8.61 -10.45 16.98
N ARG A 497 -7.73 -9.61 17.53
CA ARG A 497 -7.07 -9.91 18.78
C ARG A 497 -7.11 -8.69 19.67
N PRO A 498 -8.22 -8.51 20.40
CA PRO A 498 -8.35 -7.33 21.27
C PRO A 498 -7.33 -7.43 22.36
N THR A 499 -6.68 -6.33 22.69
CA THR A 499 -5.56 -6.42 23.63
C THR A 499 -6.07 -6.80 25.05
N GLU A 500 -7.33 -6.48 25.34
CA GLU A 500 -7.99 -6.87 26.59
C GLU A 500 -8.46 -8.35 26.65
N ALA A 501 -8.44 -9.06 25.51
CA ALA A 501 -8.98 -10.44 25.45
C ALA A 501 -8.13 -11.29 24.56
N LYS A 502 -6.84 -11.34 24.86
CA LYS A 502 -5.89 -12.12 24.06
C LYS A 502 -6.12 -13.63 24.10
N LYS A 503 -6.35 -14.17 25.30
CA LYS A 503 -6.54 -15.63 25.39
C LYS A 503 -7.81 -16.03 24.63
N ALA A 504 -8.89 -15.22 24.74
CA ALA A 504 -10.15 -15.54 24.03
C ALA A 504 -9.93 -15.55 22.53
N ALA A 505 -9.34 -14.48 22.02
CA ALA A 505 -9.03 -14.40 20.57
C ALA A 505 -8.18 -15.57 20.10
N ASP A 506 -7.09 -15.87 20.81
CA ASP A 506 -6.18 -16.97 20.48
C ASP A 506 -6.84 -18.34 20.48
N GLU A 507 -7.76 -18.56 21.42
CA GLU A 507 -8.44 -19.81 21.48
C GLU A 507 -9.38 -19.93 20.27
N ALA A 508 -10.04 -18.86 19.89
CA ALA A 508 -10.90 -18.87 18.69
C ALA A 508 -10.12 -19.18 17.45
N LYS A 509 -8.92 -18.61 17.39
CA LYS A 509 -8.04 -18.82 16.23
C LYS A 509 -7.68 -20.31 16.16
N MET A 510 -7.36 -20.90 17.33
CA MET A 510 -7.01 -22.32 17.38
C MET A 510 -8.13 -23.23 16.87
N ARG A 511 -9.39 -22.81 16.90
CA ARG A 511 -10.53 -23.60 16.33
C ARG A 511 -10.21 -23.91 14.83
N PHE A 512 -9.48 -23.04 14.17
CA PHE A 512 -9.12 -23.18 12.75
C PHE A 512 -7.73 -23.74 12.50
N ALA A 513 -6.96 -24.09 13.54
CA ALA A 513 -5.53 -24.40 13.36
C ALA A 513 -5.35 -25.68 12.54
N HIS A 514 -4.47 -25.64 11.54
CA HIS A 514 -4.04 -26.89 10.96
C HIS A 514 -2.72 -27.28 11.63
N ILE A 515 -2.51 -28.56 11.94
CA ILE A 515 -1.28 -29.05 12.52
C ILE A 515 0.01 -28.69 11.78
N ASP A 516 -0.01 -28.67 10.46
CA ASP A 516 1.14 -28.19 9.66
C ASP A 516 1.30 -26.69 9.55
N GLY A 517 0.39 -25.91 10.13
CA GLY A 517 0.67 -24.49 10.34
C GLY A 517 -0.26 -23.46 9.79
N ASP A 518 0.27 -22.26 9.56
CA ASP A 518 -0.59 -21.07 9.33
C ASP A 518 -1.18 -20.92 7.94
N HIS A 519 -0.47 -21.32 6.87
CA HIS A 519 -1.07 -21.19 5.54
C HIS A 519 -2.35 -22.00 5.46
N LEU A 520 -2.33 -23.25 5.92
CA LEU A 520 -3.51 -24.13 5.92
C LEU A 520 -4.60 -23.69 6.90
N THR A 521 -4.14 -23.02 7.96
CA THR A 521 -5.10 -22.36 8.88
C THR A 521 -5.88 -21.26 8.10
N LEU A 522 -5.20 -20.55 7.18
CA LEU A 522 -5.88 -19.48 6.40
C LEU A 522 -6.88 -20.11 5.44
N LEU A 523 -6.50 -21.26 4.92
CA LEU A 523 -7.38 -22.04 4.03
C LEU A 523 -8.63 -22.44 4.84
N ASN A 524 -8.42 -22.98 6.04
CA ASN A 524 -9.51 -23.36 6.98
C ASN A 524 -10.46 -22.19 7.32
N VAL A 525 -9.91 -21.01 7.61
CA VAL A 525 -10.72 -19.81 7.85
C VAL A 525 -11.59 -19.46 6.63
N TYR A 526 -10.95 -19.42 5.45
CA TYR A 526 -11.65 -19.07 4.25
C TYR A 526 -12.76 -20.10 4.02
N HIS A 527 -12.47 -21.41 4.12
CA HIS A 527 -13.49 -22.45 3.80
C HIS A 527 -14.69 -22.33 4.79
N ALA A 528 -14.36 -22.12 6.06
CA ALA A 528 -15.39 -21.97 7.10
C ALA A 528 -16.24 -20.71 6.89
N PHE A 529 -15.61 -19.61 6.49
CA PHE A 529 -16.35 -18.40 6.17
C PHE A 529 -17.39 -18.62 5.09
N LYS A 530 -17.01 -19.32 4.03
CA LYS A 530 -17.89 -19.57 2.91
C LYS A 530 -18.99 -20.57 3.26
N GLN A 531 -18.67 -21.68 3.92
CA GLN A 531 -19.70 -22.63 4.24
C GLN A 531 -20.71 -22.08 5.28
N ASN A 532 -20.29 -21.06 6.06
CA ASN A 532 -21.22 -20.33 6.96
C ASN A 532 -21.84 -19.08 6.35
N HIS A 533 -21.82 -18.97 5.01
CA HIS A 533 -22.60 -18.00 4.25
C HIS A 533 -22.23 -16.55 4.49
N GLU A 534 -20.92 -16.30 4.60
CA GLU A 534 -20.44 -14.95 4.76
C GLU A 534 -21.13 -14.24 5.95
N SER A 535 -21.33 -14.92 7.06
CA SER A 535 -22.08 -14.31 8.18
C SER A 535 -21.20 -13.45 9.08
N VAL A 536 -21.69 -12.25 9.30
CA VAL A 536 -21.13 -11.31 10.25
C VAL A 536 -21.16 -11.87 11.67
N GLN A 537 -22.27 -12.48 12.08
CA GLN A 537 -22.37 -13.08 13.43
C GLN A 537 -21.33 -14.17 13.63
N TRP A 538 -21.18 -15.04 12.63
CA TRP A 538 -20.17 -16.12 12.61
C TRP A 538 -18.80 -15.49 12.80
N CYS A 539 -18.52 -14.37 12.14
CA CYS A 539 -17.22 -13.70 12.25
C CYS A 539 -16.98 -13.25 13.71
N TYR A 540 -18.00 -12.62 14.31
CA TYR A 540 -17.93 -12.21 15.72
C TYR A 540 -17.70 -13.39 16.64
N ASP A 541 -18.49 -14.45 16.46
CA ASP A 541 -18.35 -15.70 17.25
C ASP A 541 -16.93 -16.28 17.23
N ASN A 542 -16.21 -16.10 16.13
CA ASN A 542 -14.92 -16.75 15.95
C ASN A 542 -13.73 -15.82 15.94
N PHE A 543 -13.94 -14.57 16.34
CA PHE A 543 -12.92 -13.52 16.25
C PHE A 543 -12.23 -13.40 14.88
N ILE A 544 -13.03 -13.50 13.80
CA ILE A 544 -12.54 -13.37 12.42
C ILE A 544 -12.94 -12.01 11.88
N ASN A 545 -12.04 -11.37 11.16
CA ASN A 545 -12.31 -10.05 10.63
C ASN A 545 -13.20 -10.17 9.40
N TYR A 546 -14.48 -9.77 9.53
CA TYR A 546 -15.46 -9.85 8.45
C TYR A 546 -14.99 -9.12 7.21
N ARG A 547 -14.48 -7.90 7.40
CA ARG A 547 -13.94 -7.11 6.26
C ARG A 547 -12.80 -7.79 5.54
N SER A 548 -11.82 -8.30 6.29
CA SER A 548 -10.73 -9.09 5.68
C SER A 548 -11.27 -10.24 4.87
N LEU A 549 -12.24 -10.97 5.42
CA LEU A 549 -12.79 -12.13 4.70
C LEU A 549 -13.57 -11.78 3.42
N MET A 550 -14.37 -10.71 3.48
CA MET A 550 -15.04 -10.17 2.31
C MET A 550 -14.04 -9.69 1.24
N SER A 551 -12.95 -9.06 1.70
CA SER A 551 -11.87 -8.64 0.80
C SER A 551 -11.20 -9.85 0.12
N ALA A 552 -10.83 -10.88 0.91
CA ALA A 552 -10.29 -12.14 0.41
C ALA A 552 -11.20 -12.79 -0.63
N ASP A 553 -12.49 -12.83 -0.34
CA ASP A 553 -13.43 -13.42 -1.30
C ASP A 553 -13.38 -12.68 -2.65
N ASN A 554 -13.41 -11.34 -2.58
CA ASN A 554 -13.28 -10.52 -3.76
C ASN A 554 -11.94 -10.71 -4.49
N VAL A 555 -10.83 -10.70 -3.76
CA VAL A 555 -9.52 -11.02 -4.39
C VAL A 555 -9.54 -12.38 -5.11
N ARG A 556 -10.10 -13.41 -4.46
CA ARG A 556 -10.17 -14.75 -5.04
C ARG A 556 -10.96 -14.78 -6.36
N GLN A 557 -12.11 -14.13 -6.35
CA GLN A 557 -12.92 -13.97 -7.57
C GLN A 557 -12.09 -13.28 -8.69
N GLN A 558 -11.36 -12.23 -8.37
CA GLN A 558 -10.56 -11.50 -9.36
C GLN A 558 -9.48 -12.38 -9.94
N LEU A 559 -8.75 -13.03 -9.05
CA LEU A 559 -7.70 -13.98 -9.46
C LEU A 559 -8.26 -15.15 -10.29
N SER A 560 -9.40 -15.68 -9.90
CA SER A 560 -10.12 -16.68 -10.71
C SER A 560 -10.34 -16.28 -12.17
N ARG A 561 -10.68 -15.02 -12.39
CA ARG A 561 -10.92 -14.55 -13.78
C ARG A 561 -9.64 -14.53 -14.60
N ILE A 562 -8.52 -14.26 -13.95
CA ILE A 562 -7.22 -14.30 -14.60
C ILE A 562 -6.79 -15.72 -14.97
N MET A 563 -7.01 -16.65 -14.05
CA MET A 563 -6.76 -18.07 -14.28
C MET A 563 -7.58 -18.50 -15.54
N ASP A 564 -8.86 -18.09 -15.59
CA ASP A 564 -9.74 -18.50 -16.68
C ASP A 564 -9.17 -17.93 -18.01
N ARG A 565 -8.82 -16.65 -18.03
CA ARG A 565 -8.21 -16.01 -19.21
C ARG A 565 -6.97 -16.76 -19.78
N PHE A 566 -6.14 -17.24 -18.89
CA PHE A 566 -4.97 -18.00 -19.25
C PHE A 566 -5.21 -19.49 -19.32
N ASN A 567 -6.44 -19.97 -19.22
CA ASN A 567 -6.71 -21.40 -19.25
C ASN A 567 -5.96 -22.24 -18.22
N LEU A 568 -5.72 -21.67 -17.04
CA LEU A 568 -5.12 -22.43 -15.94
C LEU A 568 -6.26 -23.06 -15.12
N PRO A 569 -6.27 -24.39 -15.00
CA PRO A 569 -7.41 -25.05 -14.39
C PRO A 569 -7.41 -24.73 -12.88
N ARG A 570 -8.63 -24.62 -12.39
CA ARG A 570 -8.95 -24.39 -10.99
C ARG A 570 -9.44 -25.73 -10.44
N ARG A 571 -8.55 -26.41 -9.74
CA ARG A 571 -8.69 -27.78 -9.34
C ARG A 571 -8.38 -28.03 -7.91
N SER A 572 -9.06 -29.03 -7.35
CA SER A 572 -8.70 -29.59 -6.03
C SER A 572 -8.47 -31.06 -6.15
N SER A 573 -7.72 -31.55 -5.18
CA SER A 573 -7.49 -32.98 -4.95
C SER A 573 -8.55 -33.54 -4.04
N ASP A 574 -8.52 -34.83 -3.86
CA ASP A 574 -9.48 -35.56 -3.10
C ASP A 574 -9.20 -35.29 -1.61
N PHE A 575 -10.16 -34.65 -0.96
CA PHE A 575 -10.05 -34.39 0.48
C PHE A 575 -9.83 -35.64 1.31
N THR A 576 -10.24 -36.81 0.83
CA THR A 576 -10.06 -38.03 1.65
C THR A 576 -8.65 -38.53 1.59
N SER A 577 -7.85 -38.03 0.66
CA SER A 577 -6.52 -38.48 0.53
C SER A 577 -5.60 -37.57 1.35
N ARG A 578 -4.48 -38.15 1.68
CA ARG A 578 -3.40 -37.56 2.49
C ARG A 578 -2.70 -36.54 1.57
N ASP A 579 -2.75 -36.80 0.27
CA ASP A 579 -2.19 -35.93 -0.76
C ASP A 579 -2.80 -34.56 -0.81
N TYR A 580 -4.00 -34.40 -0.26
CA TYR A 580 -4.66 -33.14 -0.28
C TYR A 580 -3.79 -32.07 0.39
N TYR A 581 -3.41 -32.31 1.64
CA TYR A 581 -2.59 -31.33 2.38
C TYR A 581 -1.12 -31.33 1.92
N ILE A 582 -0.62 -32.50 1.56
CA ILE A 582 0.76 -32.60 1.07
C ILE A 582 0.97 -31.77 -0.20
N ASN A 583 0.04 -31.89 -1.15
CA ASN A 583 0.08 -31.19 -2.44
C ASN A 583 0.05 -29.70 -2.23
N ILE A 584 -0.80 -29.23 -1.31
CA ILE A 584 -0.86 -27.81 -1.11
C ILE A 584 0.50 -27.30 -0.53
N ARG A 585 1.06 -28.04 0.45
CA ARG A 585 2.31 -27.62 1.09
C ARG A 585 3.48 -27.65 0.04
N LYS A 586 3.50 -28.66 -0.81
CA LYS A 586 4.47 -28.66 -1.98
C LYS A 586 4.27 -27.45 -2.85
N ALA A 587 3.00 -27.07 -3.14
CA ALA A 587 2.80 -25.87 -3.91
C ALA A 587 3.38 -24.60 -3.29
N LEU A 588 3.28 -24.46 -1.97
CA LEU A 588 3.83 -23.30 -1.33
C LEU A 588 5.32 -23.17 -1.64
N VAL A 589 6.00 -24.29 -1.65
CA VAL A 589 7.45 -24.32 -1.90
C VAL A 589 7.80 -23.72 -3.25
N THR A 590 6.93 -23.87 -4.27
CA THR A 590 7.24 -23.46 -5.65
C THR A 590 7.38 -21.97 -5.68
N GLY A 591 6.72 -21.24 -4.77
CA GLY A 591 6.92 -19.79 -4.70
C GLY A 591 7.79 -19.28 -3.55
N TYR A 592 7.82 -20.02 -2.44
CA TYR A 592 8.38 -19.52 -1.16
C TYR A 592 9.63 -20.28 -0.74
N PHE A 593 10.26 -20.95 -1.69
CA PHE A 593 11.41 -21.77 -1.38
C PHE A 593 12.63 -20.98 -0.85
N MET A 594 12.70 -19.68 -1.09
CA MET A 594 13.75 -18.83 -0.53
C MET A 594 13.39 -18.37 0.91
N GLN A 595 12.16 -18.55 1.32
CA GLN A 595 11.69 -18.09 2.67
C GLN A 595 11.51 -19.28 3.59
N VAL A 596 12.66 -19.83 3.96
CA VAL A 596 12.72 -21.10 4.61
C VAL A 596 13.72 -20.92 5.78
N ALA A 597 13.35 -21.46 6.94
CA ALA A 597 14.21 -21.51 8.12
C ALA A 597 14.36 -22.94 8.67
N HIS A 598 15.57 -23.24 9.18
CA HIS A 598 15.90 -24.54 9.71
C HIS A 598 15.99 -24.54 11.24
N LEU A 599 15.39 -25.55 11.89
CA LEU A 599 15.47 -25.66 13.34
C LEU A 599 16.89 -26.08 13.81
N GLU A 600 17.62 -25.20 14.46
CA GLU A 600 18.91 -25.64 15.06
C GLU A 600 18.68 -26.50 16.32
N ARG A 601 19.66 -27.37 16.58
CA ARG A 601 19.75 -28.21 17.79
C ARG A 601 19.52 -27.39 19.06
N THR A 602 19.80 -26.11 19.01
CA THR A 602 19.50 -25.19 20.11
C THR A 602 18.07 -24.69 20.31
N GLY A 603 17.16 -24.98 19.35
CA GLY A 603 15.78 -24.47 19.40
C GLY A 603 15.54 -23.13 18.69
N HIS A 604 16.63 -22.52 18.20
CA HIS A 604 16.50 -21.35 17.34
C HIS A 604 16.33 -21.80 15.88
N TYR A 605 15.92 -20.87 15.04
CA TYR A 605 15.83 -21.06 13.61
C TYR A 605 16.87 -20.18 12.95
N LEU A 606 17.45 -20.71 11.88
CA LEU A 606 18.36 -20.02 11.03
C LEU A 606 17.82 -20.09 9.61
N THR A 607 17.63 -18.91 9.00
CA THR A 607 17.23 -18.77 7.65
C THR A 607 18.24 -19.42 6.70
N VAL A 608 17.67 -20.08 5.70
CA VAL A 608 18.45 -20.97 4.82
C VAL A 608 19.71 -20.39 4.24
N LYS A 609 19.70 -19.32 3.48
CA LYS A 609 21.06 -18.97 2.94
C LYS A 609 21.76 -17.90 3.70
N ASP A 610 20.98 -16.96 4.19
CA ASP A 610 21.44 -15.70 4.69
C ASP A 610 21.79 -15.82 6.18
N ASN A 611 21.47 -16.98 6.78
CA ASN A 611 21.88 -17.36 8.13
C ASN A 611 21.51 -16.26 9.12
N GLN A 612 20.22 -15.95 9.15
CA GLN A 612 19.73 -15.02 10.13
C GLN A 612 18.97 -15.78 11.17
N VAL A 613 19.22 -15.44 12.44
CA VAL A 613 18.58 -16.14 13.56
C VAL A 613 17.18 -15.60 13.68
N VAL A 614 16.18 -16.46 13.68
CA VAL A 614 14.79 -15.97 13.75
C VAL A 614 14.04 -16.82 14.72
N GLN A 615 12.90 -16.34 15.16
CA GLN A 615 11.98 -17.20 15.85
C GLN A 615 10.54 -17.15 15.21
N LEU A 616 9.81 -18.22 15.34
CA LEU A 616 8.40 -18.25 14.90
C LEU A 616 7.65 -17.14 15.57
N HIS A 617 6.97 -16.34 14.78
CA HIS A 617 6.13 -15.28 15.27
C HIS A 617 5.19 -15.86 16.31
N PRO A 618 4.97 -15.13 17.43
CA PRO A 618 4.13 -15.72 18.50
C PRO A 618 2.65 -15.97 18.13
N SER A 619 2.10 -15.25 17.17
CA SER A 619 0.79 -15.51 16.58
C SER A 619 0.60 -16.87 15.80
N THR A 620 1.70 -17.61 15.55
CA THR A 620 1.61 -18.91 14.87
C THR A 620 0.77 -19.91 15.61
N VAL A 621 0.03 -20.70 14.87
CA VAL A 621 -0.70 -21.80 15.44
C VAL A 621 0.14 -22.99 15.69
N LEU A 622 1.38 -23.02 15.20
CA LEU A 622 2.17 -24.22 15.38
C LEU A 622 2.32 -24.53 16.89
N ASP A 623 2.20 -25.82 17.15
CA ASP A 623 2.18 -26.49 18.44
C ASP A 623 3.57 -26.83 18.89
N HIS A 624 4.49 -26.82 17.94
CA HIS A 624 5.78 -27.48 18.06
C HIS A 624 6.68 -26.76 17.03
N LYS A 625 7.98 -27.04 17.08
CA LYS A 625 8.94 -26.35 16.21
C LYS A 625 9.24 -27.30 15.07
N PRO A 626 8.63 -27.07 13.89
CA PRO A 626 9.02 -27.96 12.77
C PRO A 626 10.53 -27.88 12.42
N GLU A 627 11.12 -28.99 12.03
CA GLU A 627 12.54 -28.94 11.61
C GLU A 627 12.78 -27.92 10.47
N TRP A 628 11.85 -27.89 9.53
CA TRP A 628 11.91 -26.91 8.48
C TRP A 628 10.57 -26.18 8.32
N VAL A 629 10.66 -24.87 8.23
CA VAL A 629 9.54 -23.98 8.13
C VAL A 629 9.70 -23.03 6.93
N LEU A 630 8.58 -22.87 6.23
CA LEU A 630 8.44 -21.96 5.14
C LEU A 630 7.61 -20.85 5.68
N TYR A 631 7.99 -19.61 5.39
CA TYR A 631 7.29 -18.50 5.98
C TYR A 631 6.98 -17.47 4.96
N ASN A 632 5.95 -16.69 5.24
CA ASN A 632 5.47 -15.66 4.40
C ASN A 632 6.10 -14.33 4.56
N GLU A 633 6.49 -13.99 5.80
CA GLU A 633 6.84 -12.64 6.18
C GLU A 633 7.98 -12.57 7.23
N PHE A 634 8.97 -11.73 6.99
CA PHE A 634 10.10 -11.56 7.94
C PHE A 634 9.78 -10.28 8.72
N VAL A 635 9.56 -10.37 10.04
CA VAL A 635 9.17 -9.21 10.86
C VAL A 635 10.35 -8.75 11.77
N LEU A 636 10.82 -7.52 11.50
CA LEU A 636 11.92 -6.90 12.24
C LEU A 636 11.38 -6.12 13.42
N THR A 637 11.58 -6.61 14.64
CA THR A 637 11.36 -5.81 15.87
C THR A 637 12.72 -5.79 16.60
N THR A 638 12.73 -6.06 17.90
CA THR A 638 13.95 -6.28 18.67
C THR A 638 14.39 -7.73 18.53
N LYS A 639 13.50 -8.56 17.95
CA LYS A 639 13.80 -9.92 17.55
C LYS A 639 13.47 -10.02 16.05
N ASN A 640 14.01 -11.02 15.36
CA ASN A 640 13.57 -11.31 14.00
C ASN A 640 12.49 -12.35 14.19
N TYR A 641 11.30 -12.06 13.73
CA TYR A 641 10.25 -13.05 13.64
C TYR A 641 9.95 -13.49 12.19
N ILE A 642 9.63 -14.77 12.01
CA ILE A 642 9.08 -15.22 10.73
C ILE A 642 7.62 -15.50 10.99
N ARG A 643 6.75 -14.86 10.19
CA ARG A 643 5.29 -14.89 10.39
C ARG A 643 4.59 -15.65 9.24
N THR A 644 3.57 -16.41 9.63
CA THR A 644 2.74 -17.30 8.73
C THR A 644 3.63 -18.44 8.26
N CYS A 645 3.67 -19.48 9.09
CA CYS A 645 4.67 -20.50 9.06
C CYS A 645 4.05 -21.87 8.80
N THR A 646 4.63 -22.60 7.84
CA THR A 646 4.27 -23.97 7.56
C THR A 646 5.37 -24.97 7.64
N ASP A 647 5.05 -26.14 8.22
CA ASP A 647 5.91 -27.30 8.28
C ASP A 647 6.10 -27.91 6.86
N ILE A 648 7.35 -28.06 6.44
CA ILE A 648 7.64 -28.62 5.12
C ILE A 648 8.71 -29.71 5.24
N LYS A 649 8.87 -30.51 4.18
CA LYS A 649 9.86 -31.58 4.11
C LYS A 649 11.05 -31.04 3.32
N PRO A 650 12.27 -31.19 3.88
CA PRO A 650 13.46 -30.67 3.23
C PRO A 650 13.69 -31.32 1.85
N GLU A 651 13.28 -32.57 1.70
CA GLU A 651 13.35 -33.28 0.42
C GLU A 651 12.60 -32.44 -0.64
N TRP A 652 11.47 -31.84 -0.26
CA TRP A 652 10.77 -30.94 -1.20
C TRP A 652 11.61 -29.79 -1.74
N LEU A 653 12.49 -29.25 -0.90
CA LEU A 653 13.30 -28.14 -1.27
C LEU A 653 14.22 -28.55 -2.45
N VAL A 654 14.80 -29.73 -2.34
CA VAL A 654 15.75 -30.21 -3.31
C VAL A 654 15.01 -30.55 -4.60
N LYS A 655 13.84 -31.18 -4.48
CA LYS A 655 13.14 -31.64 -5.66
C LYS A 655 12.48 -30.54 -6.45
N ILE A 656 11.96 -29.54 -5.74
CA ILE A 656 11.15 -28.49 -6.36
C ILE A 656 11.96 -27.26 -6.71
N ALA A 657 12.99 -26.93 -5.91
CA ALA A 657 13.72 -25.68 -6.16
C ALA A 657 15.20 -25.98 -6.20
N PRO A 658 15.58 -27.00 -6.99
CA PRO A 658 17.03 -27.33 -7.05
C PRO A 658 17.96 -26.19 -7.38
N GLN A 659 17.54 -25.25 -8.23
CA GLN A 659 18.41 -24.16 -8.61
C GLN A 659 18.81 -23.32 -7.39
N TYR A 660 17.90 -23.18 -6.45
CA TYR A 660 18.22 -22.46 -5.22
C TYR A 660 18.92 -23.38 -4.26
N TYR A 661 18.47 -24.63 -4.16
CA TYR A 661 19.11 -25.63 -3.30
C TYR A 661 20.20 -26.43 -4.01
N ASP A 662 21.16 -25.65 -4.50
CA ASP A 662 22.36 -26.13 -5.20
C ASP A 662 23.50 -26.15 -4.17
N MET A 663 23.91 -27.34 -3.77
CA MET A 663 24.87 -27.54 -2.67
C MET A 663 26.29 -27.13 -3.02
N SER A 664 26.58 -27.00 -4.31
CA SER A 664 27.86 -26.43 -4.73
C SER A 664 27.95 -24.94 -4.38
N ASN A 665 26.81 -24.27 -4.14
CA ASN A 665 26.76 -22.84 -3.74
C ASN A 665 25.84 -22.64 -2.53
N PHE A 666 26.32 -23.05 -1.33
CA PHE A 666 25.51 -23.14 -0.11
C PHE A 666 26.36 -23.09 1.18
N PRO A 667 25.99 -22.24 2.17
CA PRO A 667 26.86 -22.06 3.37
C PRO A 667 26.75 -23.21 4.38
N GLN A 668 27.88 -23.53 5.01
CA GLN A 668 27.97 -24.64 5.95
C GLN A 668 27.11 -24.35 7.18
N CYS A 669 26.39 -25.37 7.63
CA CYS A 669 25.42 -25.27 8.76
C CYS A 669 24.69 -26.60 8.93
N GLU A 670 23.84 -26.73 9.96
CA GLU A 670 23.08 -27.97 10.09
C GLU A 670 22.23 -28.22 8.83
N ALA A 671 21.64 -27.17 8.28
CA ALA A 671 20.75 -27.35 7.11
C ALA A 671 21.49 -28.03 5.92
N LYS A 672 22.69 -27.54 5.59
CA LYS A 672 23.45 -28.14 4.48
C LYS A 672 23.78 -29.62 4.70
N ARG A 673 24.05 -29.99 5.95
CA ARG A 673 24.43 -31.37 6.26
C ARG A 673 23.26 -32.33 6.13
N GLN A 674 22.05 -31.90 6.53
CA GLN A 674 20.83 -32.65 6.25
C GLN A 674 20.62 -32.69 4.76
N LEU A 675 20.76 -31.55 4.09
CA LEU A 675 20.48 -31.50 2.64
C LEU A 675 21.43 -32.43 1.84
N ASP A 676 22.72 -32.43 2.19
CA ASP A 676 23.71 -33.35 1.57
C ASP A 676 23.37 -34.78 1.82
N ARG A 677 22.90 -35.09 3.04
CA ARG A 677 22.48 -36.45 3.35
C ARG A 677 21.30 -36.85 2.47
N ILE A 678 20.37 -35.90 2.25
CA ILE A 678 19.17 -36.17 1.39
C ILE A 678 19.60 -36.39 -0.11
N ILE A 679 20.47 -35.54 -0.59
CA ILE A 679 20.98 -35.62 -1.99
C ILE A 679 21.78 -36.91 -2.27
N ALA A 680 22.65 -37.31 -1.35
CA ALA A 680 23.36 -38.60 -1.48
C ALA A 680 22.41 -39.78 -1.49
N LYS A 681 21.47 -39.76 -0.55
CA LYS A 681 20.45 -40.77 -0.47
C LYS A 681 19.62 -40.87 -1.75
N LEU A 682 19.22 -39.75 -2.35
CA LEU A 682 18.47 -39.83 -3.64
C LEU A 682 19.29 -40.53 -4.71
N GLN A 683 20.60 -40.34 -4.67
CA GLN A 683 21.50 -40.89 -5.70
C GLN A 683 21.92 -42.34 -5.48
N SER A 684 21.88 -42.83 -4.23
CA SER A 684 22.02 -44.28 -3.92
C SER A 684 23.14 -44.92 -4.73
N LYS A 685 24.33 -44.38 -4.54
CA LYS A 685 25.56 -44.88 -5.12
C LYS A 685 26.42 -45.35 -3.97
N GLU A 686 27.30 -46.30 -4.26
CA GLU A 686 28.25 -46.78 -3.27
C GLU A 686 29.64 -46.65 -3.86
N TYR A 687 30.26 -45.49 -3.64
CA TYR A 687 31.55 -45.19 -4.29
C TYR A 687 32.74 -45.68 -3.46
PB ADP B . -4.68 19.14 -3.10
O1B ADP B . -3.91 20.21 -3.82
O2B ADP B . -4.17 18.83 -1.72
O3B ADP B . -4.92 17.93 -3.96
PA ADP B . -7.53 19.02 -3.10
O1A ADP B . -7.94 19.11 -4.54
O2A ADP B . -7.47 17.63 -2.49
O3A ADP B . -6.13 19.77 -2.85
O5' ADP B . -8.44 19.95 -2.17
C5' ADP B . -9.76 20.34 -2.51
C4' ADP B . -10.50 20.93 -1.29
O4' ADP B . -11.87 20.50 -1.34
C3' ADP B . -9.97 20.55 0.09
O3' ADP B . -9.13 21.58 0.64
C2' ADP B . -11.22 20.33 0.90
O2' ADP B . -11.61 21.56 1.52
C1' ADP B . -12.27 19.90 -0.11
N9 ADP B . -12.31 18.42 -0.28
C8 ADP B . -11.34 17.66 -0.81
N7 ADP B . -11.68 16.35 -0.84
C5 ADP B . -12.91 16.26 -0.31
C6 ADP B . -13.86 15.16 -0.03
N6 ADP B . -13.53 13.89 -0.34
N1 ADP B . -15.06 15.48 0.54
C2 ADP B . -15.38 16.76 0.86
N3 ADP B . -14.56 17.81 0.63
C4 ADP B . -13.33 17.63 0.06
S SO4 C . 1.34 -11.43 23.94
O1 SO4 C . 0.77 -10.26 23.21
O2 SO4 C . 2.48 -10.98 24.77
O3 SO4 C . 0.31 -12.02 24.82
O4 SO4 C . 1.82 -12.44 22.97
S SO4 D . 6.28 -36.94 -0.28
O1 SO4 D . 6.35 -35.90 0.78
O2 SO4 D . 7.04 -36.50 -1.48
O3 SO4 D . 6.88 -38.21 0.21
O4 SO4 D . 4.85 -37.15 -0.62
MG MG E . -3.82 15.93 -4.01
#